data_6VOR
#
_entry.id   6VOR
#
_cell.length_a   57.369
_cell.length_b   57.741
_cell.length_c   92.745
_cell.angle_alpha   98.740
_cell.angle_beta   94.050
_cell.angle_gamma   97.830
#
_symmetry.space_group_name_H-M   'P 1'
#
loop_
_entity.id
_entity.type
_entity.pdbx_description
1 polymer 'RM20E1 Fab heavy chain'
2 polymer 'RM20E1 Fab light chain'
3 non-polymer GLYCINE
4 water water
#
loop_
_entity_poly.entity_id
_entity_poly.type
_entity_poly.pdbx_seq_one_letter_code
_entity_poly.pdbx_strand_id
1 'polypeptide(L)'
;EVQLVQSEAEVKRPGESLKISCQTSGYNFPNYWITWVRQMPGKGLEWMGTIDPRDSDTKYSPSFQGQVTISADKSINTAY
LQWTSLRASDSATYYCVMWVYILTTGNIWVDVWGPGVLVTVSSASTKGPSVFPLAPSSKSTSGGTAALGCLVKDYFPEPV
TVSWNSGALTSGVHTFPAVLQSSGLYSLSSVVTVPSSSLGTQTYICNVNHKPSNTKVDKRVEPKSCD
;
A,C
2 'polypeptide(L)'
;DVVMTQSPLSLPITPGQPASISCRSSQSLVHNNGNTYLTWYQQRPGQPPRRLIYQVSNRDSGVPDRFIGSGAGTDFTLKI
SRVESEDVGIYYCGQITDFPYSFGQGTKVDIKRTVAAPSVFIFPPSDEQLKSGTASVVCLLNNFYPREAKVQWKVDNALQ
SGNSQESVTEQDSKDSTYSLSSTLTLSKADYEKHKVYACEVTHQGLSSPVTKSFNRGEC
;
B,D
#
# COMPACT_ATOMS: atom_id res chain seq x y z
N GLU A 1 -7.63 -40.30 -1.80
CA GLU A 1 -7.61 -38.94 -2.29
C GLU A 1 -6.29 -38.27 -1.99
N VAL A 2 -5.86 -37.45 -2.93
CA VAL A 2 -4.60 -36.76 -2.75
C VAL A 2 -4.80 -35.60 -1.82
N GLN A 3 -3.75 -35.22 -1.14
CA GLN A 3 -3.88 -34.15 -0.18
C GLN A 3 -2.46 -33.73 0.16
N LEU A 4 -2.37 -32.47 0.53
CA LEU A 4 -1.13 -31.88 0.97
C LEU A 4 -1.18 -31.65 2.47
N VAL A 5 -0.08 -31.95 3.15
CA VAL A 5 0.04 -31.73 4.58
C VAL A 5 1.05 -30.60 4.77
N GLN A 6 0.66 -29.54 5.46
CA GLN A 6 1.57 -28.42 5.70
C GLN A 6 1.99 -28.39 7.15
N SER A 7 3.15 -27.81 7.41
CA SER A 7 3.63 -27.68 8.77
C SER A 7 2.73 -26.74 9.56
N GLU A 8 2.98 -26.63 10.86
CA GLU A 8 2.06 -25.96 11.75
C GLU A 8 2.35 -24.46 11.81
N ALA A 9 1.39 -23.70 12.35
CA ALA A 9 1.50 -22.25 12.45
C ALA A 9 2.77 -21.83 13.17
N GLU A 10 3.37 -20.73 12.73
CA GLU A 10 4.63 -20.26 13.27
C GLU A 10 4.52 -18.83 13.79
N VAL A 11 5.14 -18.55 14.92
CA VAL A 11 5.33 -17.19 15.41
C VAL A 11 6.82 -16.94 15.44
N LYS A 12 7.28 -15.94 14.69
CA LYS A 12 8.70 -15.66 14.57
C LYS A 12 8.97 -14.20 14.87
N ARG A 13 10.25 -13.89 15.07
CA ARG A 13 10.67 -12.52 15.33
C ARG A 13 11.31 -11.94 14.07
N PRO A 14 11.21 -10.62 13.85
CA PRO A 14 11.84 -10.04 12.68
C PRO A 14 13.31 -10.40 12.65
N GLY A 15 13.82 -10.73 11.46
CA GLY A 15 15.21 -11.11 11.30
C GLY A 15 15.53 -12.57 11.46
N GLU A 16 14.62 -13.39 11.97
CA GLU A 16 14.91 -14.80 12.16
C GLU A 16 14.66 -15.57 10.85
N SER A 17 15.19 -16.79 10.79
CA SER A 17 14.96 -17.61 9.61
C SER A 17 13.73 -18.47 9.81
N LEU A 18 13.18 -18.98 8.71
CA LEU A 18 12.02 -19.85 8.84
C LEU A 18 11.94 -20.74 7.62
N LYS A 19 11.64 -22.01 7.85
CA LYS A 19 11.39 -22.96 6.79
C LYS A 19 10.04 -23.60 7.04
N ILE A 20 9.17 -23.54 6.05
CA ILE A 20 7.87 -24.19 6.19
C ILE A 20 7.82 -25.28 5.15
N SER A 21 6.92 -26.24 5.34
CA SER A 21 7.03 -27.46 4.58
C SER A 21 5.68 -27.89 4.07
N CYS A 22 5.73 -28.75 3.06
CA CYS A 22 4.58 -29.25 2.34
C CYS A 22 4.87 -30.67 1.92
N GLN A 23 4.02 -31.62 2.33
CA GLN A 23 4.24 -33.02 1.96
C GLN A 23 3.06 -33.60 1.18
N THR A 24 3.35 -34.14 0.01
CA THR A 24 2.37 -34.89 -0.76
C THR A 24 1.99 -36.17 -0.01
N SER A 25 0.71 -36.52 -0.04
CA SER A 25 0.25 -37.75 0.60
C SER A 25 -0.74 -38.44 -0.33
N GLY A 26 -0.42 -39.66 -0.73
CA GLY A 26 -1.30 -40.44 -1.58
C GLY A 26 -1.19 -40.22 -3.07
N TYR A 27 -0.13 -39.56 -3.55
CA TYR A 27 0.17 -39.52 -4.98
C TYR A 27 1.53 -40.18 -5.22
N ASN A 28 1.55 -41.14 -6.14
CA ASN A 28 2.76 -41.93 -6.43
C ASN A 28 3.77 -41.13 -7.23
N PHE A 29 3.39 -40.80 -8.46
CA PHE A 29 4.30 -40.57 -9.56
C PHE A 29 4.97 -39.20 -9.43
N PRO A 30 5.99 -38.93 -10.25
CA PRO A 30 6.67 -37.63 -10.17
C PRO A 30 6.18 -36.56 -11.15
N ASN A 31 5.03 -36.76 -11.79
CA ASN A 31 4.56 -35.80 -12.79
C ASN A 31 3.80 -34.65 -12.11
N TYR A 32 4.46 -33.98 -11.18
CA TYR A 32 3.84 -32.84 -10.53
C TYR A 32 4.86 -31.77 -10.15
N TRP A 33 4.34 -30.57 -9.94
CA TRP A 33 5.08 -29.42 -9.45
C TRP A 33 4.43 -28.96 -8.16
N ILE A 34 5.18 -28.18 -7.39
CA ILE A 34 4.73 -27.61 -6.13
C ILE A 34 4.95 -26.12 -6.22
N THR A 35 3.90 -25.35 -5.96
CA THR A 35 4.05 -23.91 -5.99
C THR A 35 3.56 -23.36 -4.66
N TRP A 36 4.13 -22.23 -4.29
CA TRP A 36 3.81 -21.55 -3.03
C TRP A 36 3.10 -20.24 -3.33
N VAL A 37 2.01 -19.97 -2.60
CA VAL A 37 1.12 -18.81 -2.80
C VAL A 37 0.96 -18.11 -1.46
N ARG A 38 1.11 -16.80 -1.46
CA ARG A 38 0.93 -15.98 -0.28
C ARG A 38 -0.45 -15.32 -0.31
N GLN A 39 -1.09 -15.19 0.87
CA GLN A 39 -2.29 -14.37 1.00
C GLN A 39 -2.23 -13.57 2.30
N MET A 40 -1.99 -12.25 2.19
CA MET A 40 -2.24 -11.33 3.29
C MET A 40 -3.68 -11.42 3.77
N PRO A 41 -3.93 -11.11 5.05
CA PRO A 41 -5.31 -11.08 5.54
C PRO A 41 -6.12 -9.98 4.85
N GLY A 42 -7.31 -10.34 4.39
CA GLY A 42 -8.14 -9.44 3.63
C GLY A 42 -7.71 -9.23 2.21
N LYS A 43 -6.63 -9.86 1.75
CA LYS A 43 -6.10 -9.58 0.42
C LYS A 43 -6.19 -10.82 -0.47
N GLY A 44 -5.71 -10.70 -1.71
CA GLY A 44 -5.80 -11.76 -2.70
C GLY A 44 -4.62 -12.71 -2.67
N LEU A 45 -4.49 -13.49 -3.73
CA LEU A 45 -3.51 -14.55 -3.87
C LEU A 45 -2.32 -14.00 -4.63
N GLU A 46 -1.12 -14.39 -4.22
CA GLU A 46 0.11 -14.00 -4.92
C GLU A 46 0.96 -15.21 -5.22
N TRP A 47 1.33 -15.40 -6.47
CA TRP A 47 2.25 -16.48 -6.77
C TRP A 47 3.64 -16.11 -6.28
N MET A 48 4.24 -16.98 -5.47
CA MET A 48 5.62 -16.73 -5.07
C MET A 48 6.62 -17.54 -5.88
N GLY A 49 6.29 -18.73 -6.31
CA GLY A 49 7.27 -19.52 -7.03
C GLY A 49 6.84 -20.95 -7.15
N THR A 50 7.50 -21.66 -8.07
CA THR A 50 7.17 -23.03 -8.41
C THR A 50 8.42 -23.88 -8.55
N ILE A 51 8.39 -25.09 -8.01
CA ILE A 51 9.52 -26.00 -8.15
C ILE A 51 9.08 -27.30 -8.80
N ASP A 52 9.90 -27.76 -9.73
CA ASP A 52 9.82 -29.11 -10.26
C ASP A 52 10.59 -30.04 -9.33
N PRO A 53 9.93 -30.85 -8.51
CA PRO A 53 10.70 -31.74 -7.62
C PRO A 53 11.63 -32.69 -8.35
N ARG A 54 11.39 -33.00 -9.62
CA ARG A 54 12.13 -34.08 -10.26
C ARG A 54 13.59 -33.72 -10.47
N ASP A 55 13.84 -32.50 -10.91
CA ASP A 55 15.19 -32.01 -11.12
C ASP A 55 15.51 -30.85 -10.20
N SER A 56 14.55 -30.43 -9.34
CA SER A 56 14.66 -29.25 -8.49
C SER A 56 14.79 -27.96 -9.30
N ASP A 57 14.26 -27.96 -10.52
CA ASP A 57 14.15 -26.72 -11.28
C ASP A 57 13.11 -25.80 -10.64
N THR A 58 13.38 -24.50 -10.64
CA THR A 58 12.53 -23.54 -9.96
C THR A 58 12.27 -22.32 -10.82
N LYS A 59 11.09 -21.73 -10.65
CA LYS A 59 10.75 -20.43 -11.21
C LYS A 59 10.23 -19.55 -10.07
N TYR A 60 10.78 -18.36 -9.95
CA TYR A 60 10.40 -17.43 -8.89
C TYR A 60 9.66 -16.24 -9.45
N SER A 61 8.64 -15.80 -8.73
CA SER A 61 8.09 -14.48 -8.98
C SER A 61 9.16 -13.41 -8.81
N PRO A 62 9.20 -12.42 -9.70
CA PRO A 62 10.10 -11.28 -9.52
C PRO A 62 9.87 -10.51 -8.23
N SER A 63 8.69 -10.62 -7.63
CA SER A 63 8.44 -9.90 -6.39
C SER A 63 8.98 -10.62 -5.14
N PHE A 64 9.31 -11.91 -5.23
CA PHE A 64 9.82 -12.65 -4.07
C PHE A 64 11.23 -13.17 -4.25
N GLN A 65 11.82 -13.05 -5.43
CA GLN A 65 13.17 -13.54 -5.64
C GLN A 65 14.14 -12.80 -4.72
N GLY A 66 15.01 -13.56 -4.06
CA GLY A 66 15.94 -12.93 -3.15
C GLY A 66 15.37 -12.69 -1.77
N GLN A 67 14.10 -13.04 -1.54
CA GLN A 67 13.51 -13.06 -0.21
C GLN A 67 13.26 -14.45 0.30
N VAL A 68 13.04 -15.41 -0.61
CA VAL A 68 12.71 -16.77 -0.26
C VAL A 68 13.50 -17.72 -1.15
N THR A 69 13.53 -18.98 -0.74
CA THR A 69 14.09 -20.08 -1.49
C THR A 69 13.12 -21.24 -1.44
N ILE A 70 12.89 -21.89 -2.59
CA ILE A 70 12.02 -23.06 -2.69
C ILE A 70 12.90 -24.28 -2.87
N SER A 71 12.63 -25.35 -2.13
CA SER A 71 13.36 -26.60 -2.27
C SER A 71 12.44 -27.81 -2.22
N ALA A 72 12.97 -28.97 -2.62
CA ALA A 72 12.19 -30.20 -2.64
C ALA A 72 13.05 -31.38 -2.25
N ASP A 73 12.45 -32.34 -1.56
CA ASP A 73 13.07 -33.62 -1.20
C ASP A 73 12.15 -34.73 -1.68
N LYS A 74 12.37 -35.19 -2.92
CA LYS A 74 11.64 -36.32 -3.49
C LYS A 74 11.69 -37.56 -2.60
N SER A 75 12.74 -37.73 -1.81
CA SER A 75 12.83 -38.94 -1.00
C SER A 75 11.67 -39.04 0.00
N ILE A 76 11.05 -37.91 0.34
CA ILE A 76 9.96 -37.93 1.31
C ILE A 76 8.77 -37.12 0.79
N ASN A 77 8.75 -36.86 -0.53
CA ASN A 77 7.65 -36.17 -1.19
C ASN A 77 7.31 -34.86 -0.50
N THR A 78 8.35 -34.13 -0.11
CA THR A 78 8.20 -32.91 0.65
C THR A 78 8.83 -31.76 -0.13
N ALA A 79 8.20 -30.59 -0.03
CA ALA A 79 8.69 -29.36 -0.60
C ALA A 79 8.74 -28.33 0.53
N TYR A 80 9.62 -27.35 0.35
CA TYR A 80 9.89 -26.35 1.36
C TYR A 80 9.87 -24.96 0.80
N LEU A 81 9.56 -24.01 1.67
CA LEU A 81 9.75 -22.60 1.38
C LEU A 81 10.45 -22.01 2.59
N GLN A 82 11.52 -21.25 2.35
CA GLN A 82 12.33 -20.79 3.47
C GLN A 82 12.68 -19.32 3.31
N TRP A 83 12.76 -18.63 4.44
CA TRP A 83 13.31 -17.28 4.50
C TRP A 83 14.61 -17.30 5.27
N THR A 84 15.56 -16.48 4.84
CA THR A 84 16.73 -16.22 5.66
C THR A 84 16.48 -15.13 6.70
N SER A 85 15.70 -14.11 6.35
CA SER A 85 15.56 -12.94 7.24
C SER A 85 14.12 -12.42 7.16
N LEU A 86 13.29 -12.90 8.09
CA LEU A 86 11.88 -12.52 8.10
C LEU A 86 11.69 -11.05 8.44
N ARG A 87 10.59 -10.47 7.94
CA ARG A 87 10.16 -9.13 8.30
C ARG A 87 8.69 -9.17 8.70
N ALA A 88 8.23 -8.12 9.37
CA ALA A 88 6.83 -8.09 9.82
C ALA A 88 5.87 -8.20 8.65
N SER A 89 6.23 -7.58 7.52
CA SER A 89 5.42 -7.69 6.31
C SER A 89 5.24 -9.12 5.83
N ASP A 90 6.00 -10.10 6.34
CA ASP A 90 5.83 -11.47 5.90
C ASP A 90 4.72 -12.18 6.65
N SER A 91 4.09 -11.52 7.63
CA SER A 91 2.93 -12.05 8.34
C SER A 91 1.80 -12.32 7.36
N ALA A 92 1.48 -13.57 7.10
CA ALA A 92 0.47 -13.90 6.10
C ALA A 92 0.13 -15.38 6.23
N THR A 93 -0.74 -15.86 5.34
CA THR A 93 -1.05 -17.28 5.18
C THR A 93 -0.36 -17.74 3.91
N TYR A 94 0.31 -18.88 3.98
CA TYR A 94 1.08 -19.41 2.86
C TYR A 94 0.50 -20.75 2.49
N TYR A 95 0.13 -20.91 1.21
CA TYR A 95 -0.40 -22.14 0.67
C TYR A 95 0.63 -22.81 -0.22
N CYS A 96 0.78 -24.13 -0.08
CA CYS A 96 1.45 -24.90 -1.13
C CYS A 96 0.37 -25.54 -1.98
N VAL A 97 0.63 -25.63 -3.28
CA VAL A 97 -0.33 -26.07 -4.28
C VAL A 97 0.40 -27.06 -5.15
N MET A 98 -0.21 -28.23 -5.35
CA MET A 98 0.36 -29.28 -6.18
C MET A 98 -0.33 -29.26 -7.53
N TRP A 99 0.47 -29.24 -8.59
CA TRP A 99 0.00 -29.19 -9.97
C TRP A 99 0.43 -30.47 -10.63
N VAL A 100 -0.51 -31.37 -10.88
CA VAL A 100 -0.21 -32.68 -11.46
C VAL A 100 -0.44 -32.60 -12.96
N TYR A 101 0.62 -32.74 -13.74
CA TYR A 101 0.60 -32.45 -15.17
C TYR A 101 0.73 -33.73 -16.01
N ILE A 102 0.49 -33.56 -17.31
CA ILE A 102 0.74 -34.59 -18.32
C ILE A 102 2.22 -34.70 -18.66
N THR A 105 6.44 -30.23 -20.72
CA THR A 105 6.26 -28.99 -21.45
C THR A 105 4.78 -28.61 -21.55
N GLY A 106 3.90 -29.52 -21.11
CA GLY A 106 2.48 -29.29 -21.23
C GLY A 106 1.93 -28.31 -20.20
N ASN A 107 0.83 -27.67 -20.56
CA ASN A 107 0.20 -26.66 -19.72
C ASN A 107 -1.08 -27.15 -19.02
N ILE A 108 -1.41 -28.43 -19.05
CA ILE A 108 -2.65 -28.87 -18.44
C ILE A 108 -2.32 -29.69 -17.21
N TRP A 109 -2.93 -29.34 -16.09
CA TRP A 109 -2.76 -30.17 -14.93
C TRP A 109 -4.01 -30.14 -14.06
N VAL A 110 -3.93 -30.88 -12.93
CA VAL A 110 -4.84 -30.82 -11.79
C VAL A 110 -4.12 -30.21 -10.56
N ASP A 111 -4.91 -29.60 -9.66
CA ASP A 111 -4.51 -28.42 -8.89
C ASP A 111 -5.04 -28.62 -7.47
N VAL A 112 -4.19 -29.16 -6.58
CA VAL A 112 -4.53 -29.52 -5.20
C VAL A 112 -3.92 -28.49 -4.27
N TRP A 113 -4.75 -27.80 -3.49
CA TRP A 113 -4.22 -26.82 -2.55
C TRP A 113 -4.05 -27.44 -1.18
N GLY A 114 -3.08 -26.93 -0.42
CA GLY A 114 -2.89 -27.34 0.95
C GLY A 114 -3.73 -26.48 1.86
N PRO A 115 -3.74 -26.83 3.15
CA PRO A 115 -4.63 -26.15 4.09
C PRO A 115 -4.20 -24.74 4.43
N GLY A 116 -2.97 -24.38 4.11
CA GLY A 116 -2.42 -23.09 4.50
C GLY A 116 -1.75 -23.14 5.86
N VAL A 117 -0.79 -22.27 6.04
CA VAL A 117 -0.14 -22.12 7.33
C VAL A 117 -0.06 -20.64 7.63
N LEU A 118 -0.40 -20.27 8.85
CA LEU A 118 -0.31 -18.88 9.27
C LEU A 118 1.08 -18.62 9.82
N VAL A 119 1.74 -17.60 9.30
CA VAL A 119 3.06 -17.17 9.78
C VAL A 119 2.91 -15.78 10.38
N THR A 120 3.25 -15.65 11.67
CA THR A 120 3.21 -14.37 12.40
C THR A 120 4.63 -13.93 12.71
N VAL A 121 5.06 -12.81 12.12
CA VAL A 121 6.37 -12.21 12.38
C VAL A 121 6.16 -10.94 13.19
N SER A 122 6.70 -10.89 14.40
CA SER A 122 6.39 -9.77 15.28
C SER A 122 7.42 -9.72 16.40
N SER A 123 7.62 -8.53 16.95
CA SER A 123 8.54 -8.39 18.08
C SER A 123 7.86 -8.60 19.42
N ALA A 124 6.53 -8.72 19.44
CA ALA A 124 5.80 -8.93 20.68
C ALA A 124 6.09 -10.32 21.24
N SER A 125 5.89 -10.46 22.55
CA SER A 125 6.00 -11.76 23.21
C SER A 125 4.65 -12.20 23.77
N THR A 126 4.59 -13.48 24.16
CA THR A 126 3.32 -14.07 24.53
C THR A 126 2.72 -13.36 25.74
N LYS A 127 1.44 -13.00 25.63
CA LYS A 127 0.73 -12.32 26.71
C LYS A 127 -0.73 -12.72 26.67
N GLY A 128 -1.29 -13.00 27.83
CA GLY A 128 -2.69 -13.32 27.95
C GLY A 128 -3.54 -12.08 28.00
N PRO A 129 -4.81 -12.22 27.63
CA PRO A 129 -5.70 -11.06 27.53
C PRO A 129 -6.25 -10.61 28.86
N SER A 130 -6.57 -9.32 28.92
CA SER A 130 -7.48 -8.77 29.90
C SER A 130 -8.88 -8.77 29.31
N VAL A 131 -9.85 -9.26 30.08
CA VAL A 131 -11.25 -9.31 29.64
C VAL A 131 -12.01 -8.25 30.41
N PHE A 132 -12.69 -7.37 29.68
CA PHE A 132 -13.47 -6.31 30.28
C PHE A 132 -14.93 -6.43 29.86
N PRO A 133 -15.84 -6.10 30.75
CA PRO A 133 -17.27 -6.16 30.39
C PRO A 133 -17.69 -4.96 29.58
N LEU A 134 -18.47 -5.23 28.54
CA LEU A 134 -19.23 -4.22 27.82
C LEU A 134 -20.63 -4.31 28.38
N ALA A 135 -20.94 -3.44 29.34
CA ALA A 135 -22.13 -3.64 30.14
C ALA A 135 -23.36 -3.05 29.43
N PRO A 136 -24.50 -3.72 29.53
CA PRO A 136 -25.73 -3.19 28.91
C PRO A 136 -26.27 -2.03 29.71
N SER A 137 -27.05 -1.17 29.04
CA SER A 137 -27.45 0.06 29.68
C SER A 137 -28.97 0.18 29.83
N SER A 138 -29.48 1.41 29.75
CA SER A 138 -30.92 1.68 29.82
C SER A 138 -31.46 1.91 28.41
N GLY A 144 -37.31 -3.77 24.52
CA GLY A 144 -36.84 -4.35 23.28
C GLY A 144 -35.63 -5.27 23.41
N THR A 145 -34.59 -4.99 22.62
CA THR A 145 -33.39 -5.83 22.56
C THR A 145 -32.20 -5.06 23.12
N ALA A 146 -31.44 -5.71 24.00
CA ALA A 146 -30.27 -5.13 24.63
C ALA A 146 -28.99 -5.78 24.11
N ALA A 147 -27.88 -5.07 24.28
CA ALA A 147 -26.58 -5.51 23.81
C ALA A 147 -25.59 -5.50 24.95
N LEU A 148 -24.78 -6.55 25.01
CA LEU A 148 -23.72 -6.61 25.99
C LEU A 148 -22.60 -7.43 25.37
N GLY A 149 -21.46 -7.45 26.05
CA GLY A 149 -20.34 -8.13 25.47
C GLY A 149 -19.11 -8.00 26.34
N CYS A 150 -18.01 -8.53 25.82
CA CYS A 150 -16.72 -8.59 26.49
C CYS A 150 -15.66 -8.02 25.56
N LEU A 151 -14.84 -7.12 26.07
CA LEU A 151 -13.68 -6.64 25.33
C LEU A 151 -12.48 -7.50 25.73
N VAL A 152 -11.86 -8.15 24.75
CA VAL A 152 -10.71 -9.02 24.98
C VAL A 152 -9.49 -8.26 24.46
N LYS A 153 -8.71 -7.69 25.37
CA LYS A 153 -7.72 -6.69 25.05
C LYS A 153 -6.30 -7.18 25.37
N ASP A 154 -5.34 -6.78 24.53
CA ASP A 154 -3.92 -6.85 24.84
C ASP A 154 -3.40 -8.27 25.00
N TYR A 155 -3.53 -9.10 23.96
CA TYR A 155 -2.99 -10.45 23.96
C TYR A 155 -2.14 -10.65 22.72
N PHE A 156 -1.32 -11.71 22.78
CA PHE A 156 -0.45 -12.12 21.69
C PHE A 156 0.03 -13.55 21.96
N PRO A 157 0.05 -14.43 20.95
CA PRO A 157 -0.39 -14.15 19.58
C PRO A 157 -1.83 -14.52 19.36
N GLU A 158 -2.27 -14.50 18.11
CA GLU A 158 -3.54 -15.11 17.77
C GLU A 158 -3.43 -16.62 17.94
N PRO A 159 -4.54 -17.32 18.20
CA PRO A 159 -5.91 -16.81 18.32
C PRO A 159 -6.45 -16.79 19.74
N VAL A 160 -7.65 -16.25 19.89
CA VAL A 160 -8.44 -16.35 21.11
C VAL A 160 -9.78 -16.95 20.69
N THR A 161 -10.32 -17.84 21.51
CA THR A 161 -11.68 -18.31 21.29
C THR A 161 -12.59 -17.75 22.37
N VAL A 162 -13.81 -17.43 21.99
CA VAL A 162 -14.77 -16.84 22.90
C VAL A 162 -16.08 -17.58 22.77
N SER A 163 -16.69 -17.88 23.92
CA SER A 163 -18.02 -18.44 23.97
C SER A 163 -18.75 -17.77 25.12
N TRP A 164 -20.08 -17.92 25.11
CA TRP A 164 -20.94 -17.34 26.12
C TRP A 164 -21.68 -18.46 26.84
N ASN A 165 -21.68 -18.41 28.17
CA ASN A 165 -22.40 -19.39 28.99
C ASN A 165 -22.01 -20.81 28.61
N SER A 166 -20.69 -21.00 28.50
CA SER A 166 -20.07 -22.31 28.28
C SER A 166 -20.62 -23.00 27.04
N GLY A 167 -20.88 -22.21 25.99
CA GLY A 167 -21.31 -22.74 24.71
C GLY A 167 -22.81 -22.83 24.54
N ALA A 168 -23.58 -22.54 25.59
CA ALA A 168 -25.03 -22.65 25.50
C ALA A 168 -25.69 -21.48 24.77
N LEU A 169 -25.13 -20.27 24.91
CA LEU A 169 -25.67 -19.07 24.26
C LEU A 169 -24.93 -18.84 22.94
N THR A 170 -25.65 -18.98 21.83
CA THR A 170 -25.00 -19.04 20.51
C THR A 170 -25.63 -18.07 19.51
N SER A 171 -26.94 -17.85 19.59
CA SER A 171 -27.61 -17.04 18.60
C SER A 171 -27.51 -15.57 18.98
N GLY A 172 -27.29 -14.72 17.98
CA GLY A 172 -27.08 -13.32 18.27
C GLY A 172 -25.71 -12.99 18.80
N VAL A 173 -24.79 -13.93 18.77
CA VAL A 173 -23.42 -13.69 19.20
C VAL A 173 -22.61 -13.23 18.00
N HIS A 174 -21.78 -12.22 18.21
CA HIS A 174 -20.91 -11.71 17.17
C HIS A 174 -19.55 -11.52 17.81
N THR A 175 -18.59 -12.36 17.44
CA THR A 175 -17.22 -12.22 17.88
C THR A 175 -16.45 -11.66 16.69
N PHE A 176 -16.00 -10.44 16.83
CA PHE A 176 -15.32 -9.79 15.73
C PHE A 176 -13.92 -10.37 15.58
N PRO A 177 -13.42 -10.48 14.36
CA PRO A 177 -12.00 -10.73 14.16
C PRO A 177 -11.18 -9.67 14.89
N ALA A 178 -10.04 -10.10 15.42
CA ALA A 178 -9.17 -9.25 16.20
C ALA A 178 -8.50 -8.23 15.30
N VAL A 179 -8.08 -7.14 15.89
CA VAL A 179 -7.29 -6.17 15.16
C VAL A 179 -5.95 -6.05 15.85
N LEU A 180 -4.95 -5.69 15.08
CA LEU A 180 -3.61 -5.51 15.60
C LEU A 180 -3.48 -4.07 16.10
N GLN A 181 -3.26 -3.89 17.39
CA GLN A 181 -3.04 -2.57 17.96
C GLN A 181 -1.60 -2.09 17.69
N SER A 182 -1.35 -0.81 17.96
CA SER A 182 -0.01 -0.27 17.73
C SER A 182 1.01 -0.82 18.72
N SER A 183 0.54 -1.30 19.87
CA SER A 183 1.39 -1.98 20.82
C SER A 183 1.92 -3.31 20.30
N GLY A 184 1.46 -3.76 19.12
CA GLY A 184 1.81 -5.08 18.64
C GLY A 184 1.02 -6.19 19.30
N LEU A 185 0.07 -5.84 20.16
CA LEU A 185 -0.87 -6.78 20.75
C LEU A 185 -2.17 -6.77 19.99
N TYR A 186 -2.91 -7.85 20.12
CA TYR A 186 -4.18 -8.00 19.45
C TYR A 186 -5.30 -7.65 20.42
N SER A 187 -6.46 -7.34 19.86
CA SER A 187 -7.62 -6.98 20.65
C SER A 187 -8.86 -7.35 19.86
N LEU A 188 -9.85 -7.90 20.55
CA LEU A 188 -11.14 -8.13 19.92
C LEU A 188 -12.24 -7.94 20.95
N SER A 189 -13.46 -7.86 20.46
CA SER A 189 -14.62 -7.87 21.31
C SER A 189 -15.59 -8.94 20.82
N SER A 190 -16.42 -9.41 21.73
CA SER A 190 -17.50 -10.32 21.41
C SER A 190 -18.76 -9.72 22.01
N VAL A 191 -19.83 -9.68 21.23
CA VAL A 191 -21.05 -9.05 21.68
C VAL A 191 -22.21 -10.00 21.46
N VAL A 192 -23.27 -9.79 22.23
CA VAL A 192 -24.49 -10.58 22.12
C VAL A 192 -25.65 -9.64 22.35
N THR A 193 -26.66 -9.76 21.50
CA THR A 193 -27.95 -9.11 21.72
C THR A 193 -28.91 -10.08 22.40
N VAL A 194 -29.59 -9.56 23.40
CA VAL A 194 -30.41 -10.33 24.33
C VAL A 194 -31.70 -9.56 24.56
N PRO A 195 -32.80 -10.23 24.89
CA PRO A 195 -34.00 -9.51 25.31
C PRO A 195 -33.74 -8.75 26.60
N SER A 196 -34.28 -7.52 26.68
CA SER A 196 -34.02 -6.64 27.82
C SER A 196 -34.62 -7.17 29.11
N SER A 197 -35.75 -7.88 29.02
CA SER A 197 -36.33 -8.51 30.20
C SER A 197 -35.36 -9.52 30.81
N SER A 198 -34.59 -10.21 29.95
CA SER A 198 -33.66 -11.24 30.41
C SER A 198 -32.51 -10.66 31.23
N LEU A 199 -32.34 -9.35 31.22
CA LEU A 199 -31.16 -8.76 31.85
C LEU A 199 -31.29 -8.72 33.38
N GLY A 200 -32.51 -8.78 33.89
CA GLY A 200 -32.71 -8.86 35.32
C GLY A 200 -32.81 -10.29 35.81
N THR A 201 -33.28 -11.19 34.94
CA THR A 201 -33.55 -12.57 35.32
C THR A 201 -32.40 -13.52 35.02
N GLN A 202 -31.47 -13.15 34.16
CA GLN A 202 -30.49 -14.09 33.63
C GLN A 202 -29.07 -13.59 33.87
N THR A 203 -28.13 -14.51 33.72
CA THR A 203 -26.71 -14.22 33.88
C THR A 203 -25.97 -14.56 32.60
N TYR A 204 -25.06 -13.68 32.20
CA TYR A 204 -24.30 -13.83 30.97
C TYR A 204 -22.83 -13.74 31.30
N ILE A 205 -22.08 -14.78 30.92
CA ILE A 205 -20.65 -14.91 31.18
C ILE A 205 -19.98 -15.19 29.85
N CYS A 206 -18.93 -14.44 29.54
CA CYS A 206 -18.11 -14.76 28.39
C CYS A 206 -16.92 -15.61 28.85
N ASN A 207 -16.62 -16.65 28.10
CA ASN A 207 -15.53 -17.55 28.42
C ASN A 207 -14.45 -17.36 27.37
N VAL A 208 -13.28 -16.89 27.80
CA VAL A 208 -12.20 -16.51 26.92
C VAL A 208 -11.07 -17.50 27.10
N ASN A 209 -10.61 -18.07 25.99
CA ASN A 209 -9.54 -19.04 25.99
C ASN A 209 -8.42 -18.54 25.09
N HIS A 210 -7.25 -18.30 25.67
CA HIS A 210 -6.02 -17.98 24.94
C HIS A 210 -5.00 -19.05 25.29
N LYS A 211 -4.87 -20.05 24.44
CA LYS A 211 -4.04 -21.20 24.75
C LYS A 211 -2.53 -20.98 24.66
N PRO A 212 -2.02 -20.08 23.80
CA PRO A 212 -0.57 -19.83 23.81
C PRO A 212 -0.03 -19.35 25.14
N SER A 213 -0.86 -18.76 25.99
CA SER A 213 -0.43 -18.34 27.32
C SER A 213 -1.12 -19.13 28.43
N ASN A 214 -1.94 -20.13 28.07
CA ASN A 214 -2.67 -20.94 29.03
C ASN A 214 -3.48 -20.05 29.95
N THR A 215 -4.35 -19.24 29.33
CA THR A 215 -5.22 -18.32 30.05
C THR A 215 -6.66 -18.66 29.73
N LYS A 216 -7.43 -18.98 30.76
CA LYS A 216 -8.88 -19.12 30.69
C LYS A 216 -9.47 -18.04 31.58
N VAL A 217 -10.40 -17.27 31.04
CA VAL A 217 -11.08 -16.23 31.81
C VAL A 217 -12.57 -16.37 31.61
N ASP A 218 -13.31 -16.33 32.72
CA ASP A 218 -14.77 -16.27 32.69
C ASP A 218 -15.17 -14.96 33.37
N LYS A 219 -15.76 -14.04 32.61
CA LYS A 219 -16.20 -12.76 33.16
C LYS A 219 -17.69 -12.64 32.99
N ARG A 220 -18.38 -12.31 34.07
CA ARG A 220 -19.81 -12.13 34.02
C ARG A 220 -20.12 -10.67 33.72
N VAL A 221 -20.88 -10.44 32.67
CA VAL A 221 -21.25 -9.11 32.22
C VAL A 221 -22.63 -8.80 32.82
N GLU A 222 -22.65 -7.88 33.77
CA GLU A 222 -23.90 -7.44 34.37
C GLU A 222 -24.08 -5.94 34.14
N PRO A 223 -25.33 -5.48 34.01
CA PRO A 223 -25.58 -4.04 34.00
C PRO A 223 -25.27 -3.46 35.37
N LYS A 224 -24.48 -2.39 35.41
CA LYS A 224 -24.04 -1.87 36.68
C LYS A 224 -24.36 -0.38 36.81
N SER A 225 -24.68 0.01 38.04
CA SER A 225 -25.11 1.36 38.37
C SER A 225 -25.03 1.60 39.88
N ASP B 1 4.81 -9.51 -17.00
CA ASP B 1 4.33 -9.48 -18.38
C ASP B 1 2.81 -9.40 -18.50
N VAL B 2 2.04 -10.45 -18.16
CA VAL B 2 0.59 -10.39 -18.26
C VAL B 2 -0.01 -9.86 -16.97
N VAL B 3 -0.88 -8.87 -17.09
CA VAL B 3 -1.64 -8.29 -15.98
C VAL B 3 -3.08 -8.72 -16.11
N MET B 4 -3.62 -9.36 -15.07
CA MET B 4 -5.03 -9.73 -15.01
C MET B 4 -5.80 -8.65 -14.28
N THR B 5 -6.89 -8.19 -14.87
CA THR B 5 -7.84 -7.32 -14.19
C THR B 5 -9.18 -8.02 -14.05
N GLN B 6 -9.70 -8.05 -12.83
CA GLN B 6 -10.96 -8.71 -12.51
C GLN B 6 -12.01 -7.69 -12.09
N SER B 7 -13.26 -7.87 -12.54
CA SER B 7 -14.35 -7.04 -12.08
C SER B 7 -15.62 -7.87 -11.95
N PRO B 8 -16.53 -7.49 -11.05
CA PRO B 8 -16.38 -6.34 -10.14
C PRO B 8 -15.69 -6.81 -8.88
N LEU B 9 -15.33 -5.90 -7.97
CA LEU B 9 -14.62 -6.36 -6.78
C LEU B 9 -15.56 -7.06 -5.80
N SER B 10 -16.80 -6.57 -5.68
CA SER B 10 -17.84 -7.21 -4.89
C SER B 10 -19.10 -7.35 -5.74
N LEU B 11 -19.89 -8.37 -5.44
CA LEU B 11 -20.98 -8.79 -6.32
C LEU B 11 -22.12 -9.30 -5.47
N PRO B 12 -23.14 -8.46 -5.17
CA PRO B 12 -24.30 -8.91 -4.40
C PRO B 12 -25.27 -9.68 -5.29
N ILE B 13 -25.58 -10.92 -4.92
CA ILE B 13 -26.47 -11.76 -5.71
C ILE B 13 -27.66 -12.19 -4.87
N THR B 14 -28.86 -12.02 -5.41
CA THR B 14 -30.06 -12.63 -4.82
C THR B 14 -29.96 -14.14 -4.96
N PRO B 15 -30.23 -14.92 -3.90
CA PRO B 15 -30.12 -16.39 -4.02
C PRO B 15 -31.00 -16.89 -5.15
N GLY B 16 -30.48 -17.85 -5.92
CA GLY B 16 -31.13 -18.33 -7.11
C GLY B 16 -30.79 -17.58 -8.38
N GLN B 17 -30.27 -16.36 -8.27
CA GLN B 17 -29.94 -15.56 -9.44
C GLN B 17 -28.52 -15.84 -9.93
N PRO B 18 -28.22 -15.55 -11.19
CA PRO B 18 -26.87 -15.75 -11.68
C PRO B 18 -25.91 -14.64 -11.26
N ALA B 19 -24.63 -15.00 -11.22
CA ALA B 19 -23.53 -14.06 -11.03
C ALA B 19 -22.59 -14.17 -12.22
N SER B 20 -22.12 -13.05 -12.72
CA SER B 20 -21.17 -13.04 -13.81
C SER B 20 -19.91 -12.32 -13.35
N ILE B 21 -18.76 -12.98 -13.47
CA ILE B 21 -17.50 -12.41 -13.03
C ILE B 21 -16.60 -12.31 -14.24
N SER B 22 -15.97 -11.17 -14.38
CA SER B 22 -15.19 -10.87 -15.56
C SER B 22 -13.71 -10.86 -15.21
N CYS B 23 -12.90 -11.18 -16.21
CA CYS B 23 -11.45 -11.18 -16.03
C CYS B 23 -10.84 -10.81 -17.38
N ARG B 24 -10.06 -9.74 -17.40
CA ARG B 24 -9.43 -9.27 -18.61
C ARG B 24 -7.92 -9.35 -18.47
N SER B 25 -7.24 -9.75 -19.55
CA SER B 25 -5.79 -9.84 -19.54
C SER B 25 -5.21 -8.73 -20.41
N SER B 26 -3.99 -8.31 -20.06
CA SER B 26 -3.36 -7.22 -20.78
C SER B 26 -2.83 -7.64 -22.14
N GLN B 27 -2.74 -8.94 -22.39
CA GLN B 27 -2.38 -9.43 -23.71
C GLN B 27 -3.11 -10.75 -23.88
N SER B 28 -3.23 -11.20 -25.13
CA SER B 28 -4.01 -12.41 -25.41
C SER B 28 -3.41 -13.60 -24.67
N LEU B 29 -4.27 -14.41 -24.05
CA LEU B 29 -3.80 -15.56 -23.29
C LEU B 29 -3.66 -16.81 -24.16
N VAL B 30 -3.78 -16.67 -25.48
CA VAL B 30 -3.69 -17.82 -26.35
C VAL B 30 -2.22 -18.19 -26.52
N HIS B 31 -1.88 -19.41 -26.12
CA HIS B 31 -0.51 -19.90 -26.17
C HIS B 31 -0.08 -20.10 -27.63
N ASN B 32 1.21 -20.40 -27.82
CA ASN B 32 1.78 -20.52 -29.15
C ASN B 32 1.22 -21.72 -29.93
N ASN B 33 0.75 -22.75 -29.23
CA ASN B 33 0.14 -23.90 -29.90
C ASN B 33 -1.30 -23.65 -30.34
N GLY B 34 -1.95 -22.60 -29.85
CA GLY B 34 -3.32 -22.28 -30.22
C GLY B 34 -4.37 -22.57 -29.15
N ASN B 35 -3.96 -22.80 -27.91
CA ASN B 35 -4.86 -23.09 -26.80
C ASN B 35 -4.74 -22.01 -25.72
N THR B 36 -5.78 -21.89 -24.89
CA THR B 36 -5.78 -20.95 -23.79
C THR B 36 -5.96 -21.68 -22.47
N TYR B 37 -5.25 -21.20 -21.45
CA TYR B 37 -5.07 -21.90 -20.17
C TYR B 37 -5.41 -20.98 -19.00
N LEU B 38 -6.57 -20.35 -19.03
CA LEU B 38 -7.06 -19.57 -17.91
C LEU B 38 -7.82 -20.47 -16.94
N THR B 39 -7.68 -20.21 -15.65
CA THR B 39 -8.35 -21.00 -14.63
C THR B 39 -9.13 -20.10 -13.69
N TRP B 40 -10.06 -20.72 -12.94
CA TRP B 40 -10.84 -19.99 -11.95
C TRP B 40 -10.82 -20.77 -10.66
N TYR B 41 -10.71 -20.03 -9.56
CA TYR B 41 -10.66 -20.56 -8.20
C TYR B 41 -11.79 -19.99 -7.36
N GLN B 42 -12.21 -20.79 -6.38
CA GLN B 42 -13.20 -20.36 -5.40
C GLN B 42 -12.58 -20.45 -4.02
N GLN B 43 -12.76 -19.43 -3.20
CA GLN B 43 -12.29 -19.47 -1.82
C GLN B 43 -13.46 -19.22 -0.88
N ARG B 44 -13.98 -20.28 -0.29
CA ARG B 44 -15.00 -20.13 0.71
C ARG B 44 -14.43 -19.50 1.98
N PRO B 45 -15.25 -18.85 2.79
CA PRO B 45 -14.72 -18.15 3.96
C PRO B 45 -13.98 -19.11 4.89
N GLY B 46 -12.75 -18.75 5.23
CA GLY B 46 -11.90 -19.55 6.12
C GLY B 46 -11.25 -20.76 5.49
N GLN B 47 -11.41 -20.96 4.19
CA GLN B 47 -11.07 -22.17 3.48
C GLN B 47 -9.91 -21.92 2.53
N PRO B 48 -9.16 -22.96 2.16
CA PRO B 48 -8.17 -22.80 1.09
C PRO B 48 -8.88 -22.61 -0.24
N PRO B 49 -8.25 -21.98 -1.23
CA PRO B 49 -8.86 -21.93 -2.56
C PRO B 49 -8.97 -23.34 -3.13
N ARG B 50 -9.95 -23.54 -4.02
CA ARG B 50 -10.09 -24.77 -4.77
C ARG B 50 -10.36 -24.42 -6.24
N ARG B 51 -9.77 -25.17 -7.17
CA ARG B 51 -9.95 -24.83 -8.56
C ARG B 51 -11.29 -25.36 -9.07
N LEU B 52 -12.02 -24.50 -9.77
CA LEU B 52 -13.32 -24.78 -10.38
C LEU B 52 -13.18 -25.10 -11.86
N ILE B 53 -12.39 -24.32 -12.57
CA ILE B 53 -12.38 -24.29 -14.02
C ILE B 53 -10.93 -24.23 -14.46
N TYR B 54 -10.60 -24.94 -15.52
CA TYR B 54 -9.27 -24.84 -16.11
C TYR B 54 -9.43 -24.79 -17.62
N GLN B 55 -8.42 -24.28 -18.32
CA GLN B 55 -8.46 -24.24 -19.80
C GLN B 55 -9.69 -23.48 -20.29
N VAL B 56 -10.09 -22.44 -19.53
CA VAL B 56 -11.17 -21.49 -19.85
C VAL B 56 -12.55 -22.01 -19.48
N SER B 57 -12.88 -23.24 -19.89
CA SER B 57 -14.25 -23.73 -19.72
C SER B 57 -14.37 -25.15 -19.20
N ASN B 58 -13.30 -25.94 -19.18
CA ASN B 58 -13.40 -27.28 -18.64
C ASN B 58 -13.57 -27.21 -17.11
N ARG B 59 -14.43 -28.07 -16.58
CA ARG B 59 -14.68 -28.14 -15.14
C ARG B 59 -13.87 -29.25 -14.45
N ASP B 60 -13.29 -28.94 -13.30
CA ASP B 60 -12.63 -29.97 -12.53
C ASP B 60 -13.67 -30.95 -11.97
N SER B 61 -13.19 -32.10 -11.51
CA SER B 61 -14.08 -33.17 -11.05
C SER B 61 -14.89 -32.72 -9.85
N GLY B 62 -16.15 -33.14 -9.81
CA GLY B 62 -17.01 -32.83 -8.69
C GLY B 62 -17.58 -31.44 -8.66
N VAL B 63 -17.18 -30.55 -9.57
CA VAL B 63 -17.75 -29.19 -9.55
C VAL B 63 -19.04 -29.15 -10.39
N PRO B 64 -20.13 -28.65 -9.83
CA PRO B 64 -21.42 -28.75 -10.54
C PRO B 64 -21.47 -27.93 -11.82
N ASP B 65 -22.46 -28.28 -12.65
CA ASP B 65 -22.63 -27.71 -13.98
C ASP B 65 -22.92 -26.22 -13.96
N ARG B 66 -23.38 -25.68 -12.83
CA ARG B 66 -23.77 -24.28 -12.84
C ARG B 66 -22.56 -23.34 -12.85
N PHE B 67 -21.35 -23.85 -12.70
CA PHE B 67 -20.17 -23.03 -12.93
C PHE B 67 -19.78 -23.17 -14.39
N ILE B 68 -19.83 -22.07 -15.12
CA ILE B 68 -19.64 -22.03 -16.57
C ILE B 68 -18.54 -21.01 -16.86
N GLY B 69 -17.46 -21.49 -17.48
CA GLY B 69 -16.37 -20.63 -17.86
C GLY B 69 -16.45 -20.34 -19.34
N SER B 70 -16.19 -19.09 -19.73
CA SER B 70 -16.17 -18.71 -21.13
C SER B 70 -15.11 -17.64 -21.33
N GLY B 71 -14.91 -17.26 -22.58
CA GLY B 71 -13.96 -16.23 -22.94
C GLY B 71 -13.07 -16.67 -24.08
N ALA B 72 -12.31 -15.70 -24.58
CA ALA B 72 -11.34 -15.87 -25.66
C ALA B 72 -10.46 -14.63 -25.70
N GLY B 73 -9.20 -14.82 -26.09
CA GLY B 73 -8.25 -13.72 -26.23
C GLY B 73 -7.88 -13.06 -24.92
N THR B 74 -8.49 -11.91 -24.64
CA THR B 74 -8.20 -11.11 -23.45
C THR B 74 -9.40 -10.97 -22.54
N ASP B 75 -10.52 -11.62 -22.85
CA ASP B 75 -11.79 -11.33 -22.23
C ASP B 75 -12.39 -12.65 -21.81
N PHE B 76 -12.66 -12.81 -20.52
CA PHE B 76 -13.05 -14.11 -20.00
C PHE B 76 -14.09 -13.90 -18.92
N THR B 77 -14.93 -14.90 -18.74
CA THR B 77 -16.06 -14.74 -17.84
C THR B 77 -16.27 -16.04 -17.11
N LEU B 78 -16.56 -15.94 -15.81
CA LEU B 78 -17.07 -17.04 -15.04
C LEU B 78 -18.50 -16.72 -14.66
N LYS B 79 -19.42 -17.64 -14.97
CA LYS B 79 -20.83 -17.45 -14.70
C LYS B 79 -21.28 -18.53 -13.73
N ILE B 80 -21.93 -18.12 -12.67
CA ILE B 80 -22.55 -19.05 -11.73
C ILE B 80 -24.03 -18.96 -11.98
N SER B 81 -24.64 -20.07 -12.44
CA SER B 81 -25.99 -20.03 -13.01
C SER B 81 -27.04 -19.65 -11.98
N ARG B 82 -27.03 -20.32 -10.83
CA ARG B 82 -27.99 -20.07 -9.74
C ARG B 82 -27.20 -20.06 -8.43
N VAL B 83 -26.83 -18.85 -8.01
CA VAL B 83 -26.02 -18.68 -6.81
C VAL B 83 -26.84 -19.08 -5.59
N GLU B 84 -26.30 -20.00 -4.79
CA GLU B 84 -26.91 -20.43 -3.53
C GLU B 84 -26.00 -20.10 -2.36
N SER B 85 -26.44 -20.48 -1.16
CA SER B 85 -25.78 -20.04 0.07
C SER B 85 -24.34 -20.54 0.16
N GLU B 86 -24.07 -21.71 -0.39
CA GLU B 86 -22.74 -22.30 -0.36
C GLU B 86 -21.78 -21.66 -1.36
N ASP B 87 -22.19 -20.69 -2.16
CA ASP B 87 -21.29 -20.08 -3.13
C ASP B 87 -20.75 -18.74 -2.67
N VAL B 88 -21.12 -18.28 -1.49
CA VAL B 88 -20.54 -17.03 -0.99
C VAL B 88 -19.05 -17.23 -0.74
N GLY B 89 -18.26 -16.26 -1.15
CA GLY B 89 -16.82 -16.36 -1.06
C GLY B 89 -16.21 -15.56 -2.17
N ILE B 90 -14.90 -15.71 -2.33
CA ILE B 90 -14.12 -14.92 -3.28
C ILE B 90 -13.73 -15.80 -4.44
N TYR B 91 -13.76 -15.25 -5.66
CA TYR B 91 -13.42 -15.97 -6.87
C TYR B 91 -12.25 -15.29 -7.54
N TYR B 92 -11.30 -16.09 -8.04
CA TYR B 92 -10.07 -15.57 -8.65
C TYR B 92 -9.85 -16.26 -9.99
N CYS B 93 -9.45 -15.49 -10.99
CA CYS B 93 -8.99 -16.06 -12.24
C CYS B 93 -7.50 -16.27 -12.12
N GLY B 94 -6.98 -17.25 -12.85
CA GLY B 94 -5.58 -17.59 -12.73
C GLY B 94 -4.92 -17.71 -14.08
N GLN B 95 -3.79 -17.04 -14.22
CA GLN B 95 -3.03 -17.00 -15.46
C GLN B 95 -1.73 -17.77 -15.22
N ILE B 96 -1.56 -18.90 -15.89
CA ILE B 96 -0.30 -19.64 -15.89
C ILE B 96 0.28 -19.84 -17.29
N THR B 97 -0.37 -19.28 -18.33
CA THR B 97 0.19 -19.24 -19.68
C THR B 97 1.65 -18.77 -19.64
N ASP B 98 1.85 -17.49 -19.38
CA ASP B 98 3.14 -16.83 -19.49
C ASP B 98 3.69 -16.57 -18.10
N PHE B 99 4.94 -16.94 -17.89
CA PHE B 99 5.66 -16.50 -16.70
C PHE B 99 5.85 -14.98 -16.75
N PRO B 100 5.62 -14.25 -15.63
CA PRO B 100 5.25 -14.67 -14.28
C PRO B 100 3.77 -14.88 -14.07
N TYR B 101 3.43 -15.91 -13.29
CA TYR B 101 2.04 -16.29 -13.02
C TYR B 101 1.38 -15.24 -12.14
N SER B 102 0.07 -15.05 -12.33
CA SER B 102 -0.61 -14.09 -11.48
C SER B 102 -2.08 -14.49 -11.35
N PHE B 103 -2.72 -13.93 -10.34
CA PHE B 103 -4.12 -14.16 -10.05
C PHE B 103 -4.84 -12.82 -10.15
N GLY B 104 -6.10 -12.85 -10.57
CA GLY B 104 -6.92 -11.65 -10.44
C GLY B 104 -7.04 -11.23 -8.99
N GLN B 105 -7.51 -10.00 -8.77
CA GLN B 105 -7.58 -9.45 -7.42
C GLN B 105 -8.70 -10.06 -6.60
N GLY B 106 -9.64 -10.74 -7.25
CA GLY B 106 -10.67 -11.45 -6.51
C GLY B 106 -12.00 -10.73 -6.60
N THR B 107 -13.10 -11.49 -6.65
CA THR B 107 -14.45 -10.94 -6.66
C THR B 107 -15.20 -11.59 -5.51
N LYS B 108 -15.68 -10.78 -4.58
CA LYS B 108 -16.37 -11.29 -3.40
C LYS B 108 -17.86 -11.39 -3.73
N VAL B 109 -18.40 -12.59 -3.76
CA VAL B 109 -19.83 -12.81 -3.97
C VAL B 109 -20.48 -12.89 -2.60
N ASP B 110 -21.47 -12.04 -2.34
CA ASP B 110 -22.25 -12.14 -1.12
C ASP B 110 -23.73 -12.24 -1.48
N ILE B 111 -24.55 -12.44 -0.46
CA ILE B 111 -25.99 -12.63 -0.64
C ILE B 111 -26.70 -11.29 -0.59
N LYS B 112 -27.47 -11.00 -1.63
CA LYS B 112 -28.28 -9.78 -1.62
C LYS B 112 -29.50 -9.99 -0.73
N ARG B 113 -29.78 -9.00 0.10
CA ARG B 113 -31.01 -8.95 0.88
C ARG B 113 -31.46 -7.50 0.95
N THR B 114 -32.65 -7.27 1.52
CA THR B 114 -33.18 -5.92 1.67
C THR B 114 -32.33 -5.12 2.65
N VAL B 115 -32.20 -3.82 2.36
CA VAL B 115 -31.41 -2.93 3.20
C VAL B 115 -31.88 -3.02 4.64
N ALA B 116 -30.93 -3.09 5.57
CA ALA B 116 -31.21 -3.16 6.99
C ALA B 116 -30.37 -2.11 7.70
N ALA B 117 -30.99 -1.29 8.51
CA ALA B 117 -30.18 -0.29 9.16
C ALA B 117 -29.43 -0.91 10.33
N PRO B 118 -28.28 -0.35 10.67
CA PRO B 118 -27.59 -0.84 11.88
C PRO B 118 -28.37 -0.44 13.11
N SER B 119 -28.37 -1.32 14.10
CA SER B 119 -28.77 -0.96 15.46
C SER B 119 -27.52 -0.61 16.23
N VAL B 120 -27.50 0.58 16.85
CA VAL B 120 -26.28 1.16 17.37
C VAL B 120 -26.32 1.17 18.89
N PHE B 121 -25.21 0.78 19.50
CA PHE B 121 -25.03 0.77 20.94
C PHE B 121 -23.65 1.33 21.25
N ILE B 122 -23.55 2.03 22.36
CA ILE B 122 -22.28 2.60 22.78
C ILE B 122 -21.96 2.06 24.17
N PHE B 123 -20.69 1.70 24.38
CA PHE B 123 -20.27 1.13 25.67
C PHE B 123 -19.20 2.01 26.29
N PRO B 124 -19.38 2.49 27.51
CA PRO B 124 -18.33 3.22 28.19
C PRO B 124 -17.25 2.28 28.67
N PRO B 125 -16.08 2.80 29.01
CA PRO B 125 -15.04 1.94 29.58
C PRO B 125 -15.43 1.45 30.97
N SER B 126 -15.12 0.18 31.23
CA SER B 126 -15.31 -0.38 32.55
C SER B 126 -14.39 0.32 33.53
N ASP B 127 -14.74 0.24 34.81
CA ASP B 127 -13.87 0.81 35.83
C ASP B 127 -12.63 -0.04 36.05
N GLU B 128 -12.72 -1.34 35.75
CA GLU B 128 -11.53 -2.18 35.80
C GLU B 128 -10.50 -1.71 34.80
N GLN B 129 -10.91 -1.51 33.55
CA GLN B 129 -9.95 -1.05 32.55
C GLN B 129 -9.37 0.31 32.90
N LEU B 130 -10.15 1.18 33.54
CA LEU B 130 -9.65 2.51 33.85
C LEU B 130 -8.52 2.45 34.88
N LYS B 131 -8.64 1.56 35.87
CA LYS B 131 -7.53 1.33 36.78
C LYS B 131 -6.27 0.86 36.06
N SER B 132 -6.44 0.16 34.93
CA SER B 132 -5.29 -0.20 34.11
C SER B 132 -4.65 1.00 33.42
N GLY B 133 -5.30 2.17 33.42
CA GLY B 133 -4.74 3.36 32.83
C GLY B 133 -5.15 3.65 31.41
N THR B 134 -5.97 2.79 30.80
CA THR B 134 -6.44 3.00 29.44
C THR B 134 -7.95 2.95 29.40
N ALA B 135 -8.56 3.79 28.56
CA ALA B 135 -9.99 3.82 28.35
C ALA B 135 -10.30 3.37 26.93
N SER B 136 -11.13 2.33 26.80
CA SER B 136 -11.70 1.90 25.53
C SER B 136 -13.19 2.19 25.54
N VAL B 137 -13.66 2.90 24.51
CA VAL B 137 -15.08 3.15 24.30
C VAL B 137 -15.46 2.43 23.02
N VAL B 138 -16.55 1.66 23.07
CA VAL B 138 -16.90 0.78 21.97
C VAL B 138 -18.23 1.20 21.39
N CYS B 139 -18.27 1.35 20.07
CA CYS B 139 -19.48 1.57 19.31
C CYS B 139 -19.79 0.32 18.51
N LEU B 140 -20.94 -0.28 18.77
CA LEU B 140 -21.38 -1.49 18.09
C LEU B 140 -22.46 -1.13 17.09
N LEU B 141 -22.31 -1.60 15.86
CA LEU B 141 -23.29 -1.43 14.79
C LEU B 141 -23.76 -2.83 14.44
N ASN B 142 -25.01 -3.16 14.74
CA ASN B 142 -25.41 -4.56 14.70
C ASN B 142 -26.38 -4.87 13.58
N ASN B 143 -26.06 -5.90 12.80
CA ASN B 143 -27.01 -6.51 11.85
C ASN B 143 -27.55 -5.49 10.85
N PHE B 144 -26.68 -5.07 9.93
CA PHE B 144 -27.05 -4.14 8.87
C PHE B 144 -26.69 -4.76 7.52
N TYR B 145 -27.22 -4.17 6.46
CA TYR B 145 -26.94 -4.56 5.08
C TYR B 145 -27.32 -3.36 4.22
N PRO B 146 -26.50 -2.99 3.22
CA PRO B 146 -25.21 -3.58 2.83
C PRO B 146 -24.03 -3.25 3.72
N ARG B 147 -22.85 -3.69 3.27
CA ARG B 147 -21.64 -3.64 4.08
C ARG B 147 -21.16 -2.21 4.33
N GLU B 148 -21.31 -1.31 3.35
CA GLU B 148 -20.89 0.08 3.48
C GLU B 148 -21.47 0.70 4.75
N ALA B 149 -20.59 1.29 5.57
CA ALA B 149 -21.02 2.03 6.74
C ALA B 149 -19.87 2.95 7.13
N LYS B 150 -20.20 4.04 7.81
CA LYS B 150 -19.17 4.92 8.35
C LYS B 150 -19.57 5.32 9.76
N VAL B 151 -18.63 5.18 10.69
CA VAL B 151 -18.80 5.63 12.06
C VAL B 151 -17.82 6.76 12.31
N GLN B 152 -18.20 7.68 13.17
CA GLN B 152 -17.40 8.85 13.44
C GLN B 152 -17.49 9.17 14.92
N TRP B 153 -16.37 9.48 15.53
CA TRP B 153 -16.30 9.68 16.97
C TRP B 153 -16.24 11.16 17.30
N LYS B 154 -16.96 11.55 18.37
CA LYS B 154 -16.93 12.92 18.87
C LYS B 154 -16.81 12.90 20.39
N VAL B 155 -15.88 13.70 20.92
CA VAL B 155 -15.61 13.78 22.35
C VAL B 155 -15.77 15.24 22.77
N ASP B 156 -16.71 15.49 23.68
CA ASP B 156 -17.04 16.86 24.10
C ASP B 156 -17.30 17.74 22.89
N ASN B 157 -18.03 17.18 21.92
CA ASN B 157 -18.31 17.82 20.65
C ASN B 157 -17.04 18.29 19.95
N ALA B 158 -16.10 17.35 19.81
CA ALA B 158 -14.88 17.53 19.04
C ALA B 158 -14.61 16.25 18.27
N LEU B 159 -14.50 16.38 16.96
CA LEU B 159 -14.30 15.23 16.09
C LEU B 159 -12.94 14.57 16.34
N GLN B 160 -12.92 13.23 16.30
CA GLN B 160 -11.71 12.45 16.51
C GLN B 160 -11.19 11.86 15.21
N SER B 161 -9.86 11.73 15.12
CA SER B 161 -9.18 11.09 14.00
C SER B 161 -8.00 10.28 14.54
N GLY B 162 -7.75 9.12 13.93
CA GLY B 162 -6.53 8.37 14.21
C GLY B 162 -6.42 7.74 15.59
N ASN B 163 -7.53 7.62 16.33
CA ASN B 163 -7.51 6.97 17.64
C ASN B 163 -8.62 5.92 17.75
N SER B 164 -9.10 5.40 16.62
CA SER B 164 -10.12 4.36 16.62
C SER B 164 -9.75 3.26 15.65
N GLN B 165 -10.30 2.07 15.88
CA GLN B 165 -10.08 0.93 15.01
C GLN B 165 -11.39 0.19 14.83
N GLU B 166 -11.63 -0.30 13.61
CA GLU B 166 -12.86 -0.96 13.24
C GLU B 166 -12.62 -2.44 12.95
N SER B 167 -13.68 -3.24 13.10
CA SER B 167 -13.67 -4.65 12.70
C SER B 167 -15.08 -5.05 12.26
N VAL B 168 -15.18 -5.92 11.26
CA VAL B 168 -16.46 -6.29 10.68
C VAL B 168 -16.56 -7.81 10.60
N THR B 169 -17.73 -8.34 10.96
CA THR B 169 -17.95 -9.77 10.80
C THR B 169 -18.17 -10.09 9.32
N GLU B 170 -18.06 -11.37 8.99
CA GLU B 170 -18.43 -11.77 7.64
C GLU B 170 -19.95 -11.86 7.58
N GLN B 171 -20.49 -12.11 6.40
CA GLN B 171 -21.94 -12.16 6.26
C GLN B 171 -22.51 -13.30 7.10
N ASP B 172 -23.48 -12.96 7.94
CA ASP B 172 -24.16 -13.93 8.78
C ASP B 172 -24.93 -14.95 7.95
N SER B 173 -24.80 -16.23 8.32
CA SER B 173 -25.41 -17.30 7.54
C SER B 173 -26.92 -17.19 7.48
N LYS B 174 -27.55 -16.89 8.62
CA LYS B 174 -29.01 -16.82 8.73
C LYS B 174 -29.57 -15.58 8.04
N ASP B 175 -29.33 -14.41 8.62
CA ASP B 175 -30.03 -13.21 8.19
C ASP B 175 -29.28 -12.42 7.11
N SER B 176 -28.07 -12.84 6.74
CA SER B 176 -27.26 -12.20 5.71
C SER B 176 -26.83 -10.78 6.07
N THR B 177 -26.78 -10.45 7.35
CA THR B 177 -26.37 -9.11 7.79
C THR B 177 -24.91 -9.12 8.27
N TYR B 178 -24.33 -7.94 8.33
CA TYR B 178 -23.02 -7.70 8.92
C TYR B 178 -23.18 -6.94 10.24
N SER B 179 -22.14 -6.98 11.04
CA SER B 179 -22.04 -6.16 12.23
C SER B 179 -20.64 -5.58 12.29
N LEU B 180 -20.52 -4.42 12.94
CA LEU B 180 -19.27 -3.70 12.98
C LEU B 180 -19.03 -3.15 14.37
N SER B 181 -17.79 -3.24 14.82
CA SER B 181 -17.34 -2.61 16.04
C SER B 181 -16.35 -1.51 15.67
N SER B 182 -16.43 -0.38 16.36
CA SER B 182 -15.37 0.62 16.32
C SER B 182 -14.98 0.88 17.76
N THR B 183 -13.67 0.91 18.03
CA THR B 183 -13.18 1.10 19.39
C THR B 183 -12.34 2.36 19.44
N LEU B 184 -12.70 3.27 20.35
CA LEU B 184 -11.97 4.52 20.57
C LEU B 184 -11.09 4.35 21.79
N THR B 185 -9.78 4.52 21.62
CA THR B 185 -8.82 4.30 22.69
C THR B 185 -8.23 5.62 23.14
N LEU B 186 -8.39 5.94 24.43
CA LEU B 186 -7.83 7.14 25.05
C LEU B 186 -7.07 6.75 26.30
N SER B 187 -6.18 7.63 26.72
CA SER B 187 -5.60 7.47 28.05
C SER B 187 -6.68 7.72 29.11
N LYS B 188 -6.45 7.16 30.30
CA LYS B 188 -7.32 7.45 31.43
C LYS B 188 -7.37 8.95 31.70
N ALA B 189 -6.22 9.60 31.73
CA ALA B 189 -6.17 11.04 31.92
C ALA B 189 -7.05 11.75 30.91
N ASP B 190 -6.82 11.50 29.61
CA ASP B 190 -7.61 12.16 28.57
C ASP B 190 -9.09 11.87 28.73
N TYR B 191 -9.43 10.62 29.07
CA TYR B 191 -10.83 10.24 29.24
C TYR B 191 -11.50 11.08 30.32
N GLU B 192 -10.84 11.26 31.46
CA GLU B 192 -11.44 11.96 32.57
C GLU B 192 -11.52 13.48 32.36
N LYS B 193 -10.72 14.02 31.45
CA LYS B 193 -10.78 15.45 31.15
C LYS B 193 -11.88 15.80 30.15
N HIS B 194 -12.78 14.87 29.85
CA HIS B 194 -13.88 15.15 28.94
C HIS B 194 -15.18 14.57 29.50
N LYS B 195 -16.29 14.96 28.88
CA LYS B 195 -17.62 14.76 29.46
C LYS B 195 -18.49 13.85 28.62
N VAL B 196 -18.77 14.19 27.37
CA VAL B 196 -19.74 13.45 26.55
C VAL B 196 -19.01 12.76 25.40
N TYR B 197 -19.32 11.48 25.22
CA TYR B 197 -18.68 10.61 24.25
C TYR B 197 -19.76 10.06 23.32
N ALA B 198 -19.56 10.19 22.01
CA ALA B 198 -20.61 9.90 21.06
C ALA B 198 -20.04 9.25 19.81
N CYS B 199 -20.82 8.40 19.17
CA CYS B 199 -20.44 7.90 17.84
C CYS B 199 -21.60 8.16 16.89
N GLU B 200 -21.27 8.61 15.70
CA GLU B 200 -22.23 8.91 14.66
C GLU B 200 -22.09 7.88 13.56
N VAL B 201 -23.23 7.37 13.09
CA VAL B 201 -23.25 6.26 12.17
C VAL B 201 -24.00 6.68 10.91
N THR B 202 -23.40 6.43 9.75
CA THR B 202 -24.02 6.71 8.47
C THR B 202 -24.18 5.40 7.72
N HIS B 203 -25.38 5.15 7.19
CA HIS B 203 -25.65 3.90 6.48
C HIS B 203 -26.87 4.08 5.58
N GLN B 204 -26.81 3.40 4.43
CA GLN B 204 -27.84 3.53 3.40
C GLN B 204 -29.25 3.34 3.97
N GLY B 205 -29.40 2.48 4.96
CA GLY B 205 -30.69 2.23 5.56
C GLY B 205 -31.14 3.22 6.60
N LEU B 206 -30.38 4.29 6.84
CA LEU B 206 -30.78 5.36 7.75
C LEU B 206 -31.00 6.64 6.97
N SER B 207 -32.14 7.31 7.23
CA SER B 207 -32.44 8.56 6.56
C SER B 207 -31.48 9.67 6.95
N SER B 208 -31.09 9.72 8.23
CA SER B 208 -30.08 10.66 8.70
C SER B 208 -29.18 9.95 9.69
N PRO B 209 -27.92 10.37 9.80
CA PRO B 209 -27.00 9.69 10.72
C PRO B 209 -27.54 9.65 12.14
N VAL B 210 -27.29 8.53 12.83
CA VAL B 210 -27.72 8.36 14.22
C VAL B 210 -26.54 8.55 15.14
N THR B 211 -26.78 9.13 16.31
CA THR B 211 -25.76 9.36 17.30
C THR B 211 -26.16 8.66 18.60
N LYS B 212 -25.27 7.82 19.11
CA LYS B 212 -25.43 7.27 20.44
C LYS B 212 -24.33 7.88 21.29
N SER B 213 -24.69 8.28 22.51
CA SER B 213 -23.74 9.02 23.34
C SER B 213 -23.95 8.61 24.78
N PHE B 214 -22.99 9.00 25.61
CA PHE B 214 -23.15 8.89 27.05
C PHE B 214 -22.33 10.01 27.68
N ASN B 215 -22.63 10.29 28.95
CA ASN B 215 -21.92 11.29 29.73
C ASN B 215 -21.07 10.58 30.77
N ARG B 216 -19.76 10.78 30.70
CA ARG B 216 -18.85 10.14 31.64
C ARG B 216 -19.29 10.42 33.07
N GLY B 217 -19.64 9.36 33.79
CA GLY B 217 -20.06 9.44 35.18
C GLY B 217 -21.55 9.39 35.42
N GLU B 218 -22.36 9.25 34.37
CA GLU B 218 -23.81 9.31 34.52
C GLU B 218 -24.41 7.96 34.85
N GLU C 1 29.00 26.82 9.25
CA GLU C 1 27.75 26.14 9.02
C GLU C 1 27.86 24.69 9.47
N VAL C 2 26.81 24.18 10.10
CA VAL C 2 26.75 22.78 10.48
C VAL C 2 26.14 22.01 9.32
N GLN C 3 26.89 21.06 8.78
CA GLN C 3 26.46 20.24 7.66
C GLN C 3 26.57 18.76 8.03
N LEU C 4 25.87 17.94 7.26
CA LEU C 4 25.97 16.48 7.33
C LEU C 4 26.46 15.99 5.98
N VAL C 5 27.41 15.07 6.00
CA VAL C 5 27.93 14.45 4.79
C VAL C 5 27.42 13.02 4.77
N GLN C 6 26.81 12.60 3.67
CA GLN C 6 26.37 11.21 3.60
C GLN C 6 27.17 10.43 2.56
N SER C 7 27.20 9.12 2.73
CA SER C 7 27.89 8.25 1.79
C SER C 7 27.17 8.28 0.43
N GLU C 8 27.77 7.64 -0.56
CA GLU C 8 27.30 7.79 -1.94
C GLU C 8 26.20 6.79 -2.25
N ALA C 9 25.52 7.03 -3.38
CA ALA C 9 24.39 6.19 -3.77
C ALA C 9 24.82 4.75 -3.99
N GLU C 10 23.98 3.83 -3.55
CA GLU C 10 24.29 2.40 -3.56
C GLU C 10 23.31 1.65 -4.45
N VAL C 11 23.84 0.69 -5.18
CA VAL C 11 23.04 -0.27 -5.95
C VAL C 11 23.39 -1.65 -5.40
N LYS C 12 22.40 -2.31 -4.79
CA LYS C 12 22.62 -3.59 -4.14
C LYS C 12 21.63 -4.61 -4.66
N ARG C 13 21.87 -5.87 -4.33
CA ARG C 13 21.03 -6.99 -4.70
C ARG C 13 20.17 -7.41 -3.51
N PRO C 14 18.96 -7.92 -3.73
CA PRO C 14 18.16 -8.43 -2.61
C PRO C 14 18.94 -9.46 -1.81
N GLY C 15 18.83 -9.37 -0.49
CA GLY C 15 19.51 -10.25 0.41
C GLY C 15 20.90 -9.81 0.83
N GLU C 16 21.51 -8.86 0.13
CA GLU C 16 22.83 -8.42 0.54
C GLU C 16 22.73 -7.47 1.73
N SER C 17 23.86 -7.27 2.40
CA SER C 17 23.90 -6.34 3.52
C SER C 17 24.31 -4.94 3.01
N LEU C 18 24.04 -3.92 3.83
CA LEU C 18 24.43 -2.57 3.43
C LEU C 18 24.53 -1.71 4.67
N LYS C 19 25.55 -0.88 4.71
CA LYS C 19 25.71 0.12 5.75
C LYS C 19 25.94 1.46 5.09
N ILE C 20 25.09 2.44 5.40
CA ILE C 20 25.25 3.79 4.89
C ILE C 20 25.65 4.66 6.07
N SER C 21 26.25 5.81 5.77
CA SER C 21 26.90 6.55 6.84
C SER C 21 26.52 8.01 6.74
N CYS C 22 26.76 8.68 7.86
CA CYS C 22 26.42 10.09 8.09
C CYS C 22 27.51 10.67 8.97
N GLN C 23 28.14 11.76 8.54
CA GLN C 23 29.19 12.39 9.33
C GLN C 23 28.86 13.86 9.58
N THR C 24 28.91 14.29 10.85
CA THR C 24 28.70 15.71 11.11
C THR C 24 29.96 16.47 10.75
N SER C 25 29.80 17.68 10.25
CA SER C 25 30.92 18.53 9.91
C SER C 25 30.76 19.86 10.61
N GLY C 26 31.80 20.27 11.34
CA GLY C 26 31.81 21.57 11.98
C GLY C 26 30.88 21.76 13.16
N TYR C 27 30.38 20.68 13.77
CA TYR C 27 29.77 20.81 15.09
C TYR C 27 30.71 20.20 16.11
N ASN C 28 31.01 20.97 17.16
CA ASN C 28 32.10 20.73 18.09
C ASN C 28 31.70 19.85 19.26
N PHE C 29 30.50 20.01 19.77
CA PHE C 29 30.08 19.54 21.07
C PHE C 29 29.24 18.27 20.93
N PRO C 30 28.98 17.55 22.04
CA PRO C 30 28.28 16.27 21.93
C PRO C 30 26.79 16.33 22.25
N ASN C 31 26.22 17.53 22.30
CA ASN C 31 24.80 17.65 22.64
C ASN C 31 23.92 17.51 21.41
N TYR C 32 23.97 16.34 20.76
CA TYR C 32 23.08 16.13 19.63
C TYR C 32 22.68 14.67 19.51
N TRP C 33 21.62 14.44 18.71
CA TRP C 33 21.14 13.13 18.31
C TRP C 33 21.26 13.01 16.81
N ILE C 34 21.15 11.79 16.30
CA ILE C 34 21.15 11.51 14.87
C ILE C 34 19.94 10.66 14.58
N THR C 35 19.19 11.03 13.55
CA THR C 35 17.94 10.39 13.22
C THR C 35 18.00 10.03 11.76
N TRP C 36 17.49 8.87 11.42
CA TRP C 36 17.39 8.42 10.04
C TRP C 36 15.93 8.43 9.59
N VAL C 37 15.68 8.96 8.38
CA VAL C 37 14.35 9.20 7.81
C VAL C 37 14.35 8.56 6.43
N ARG C 38 13.33 7.78 6.14
CA ARG C 38 13.17 7.19 4.82
C ARG C 38 12.15 8.00 4.01
N GLN C 39 12.40 8.13 2.70
CA GLN C 39 11.41 8.71 1.80
C GLN C 39 11.35 7.86 0.54
N MET C 40 10.28 7.06 0.41
CA MET C 40 10.03 6.37 -0.85
C MET C 40 9.80 7.41 -1.94
N PRO C 41 10.18 7.12 -3.17
CA PRO C 41 9.98 8.11 -4.25
C PRO C 41 8.52 8.49 -4.38
N GLY C 42 8.26 9.79 -4.31
CA GLY C 42 6.90 10.28 -4.42
C GLY C 42 6.07 10.18 -3.16
N LYS C 43 6.64 9.73 -2.05
CA LYS C 43 5.88 9.60 -0.81
C LYS C 43 6.46 10.51 0.28
N GLY C 44 5.94 10.38 1.50
CA GLY C 44 6.29 11.28 2.58
C GLY C 44 7.54 10.83 3.33
N LEU C 45 7.75 11.43 4.50
CA LEU C 45 8.90 11.14 5.34
C LEU C 45 8.48 10.13 6.39
N GLU C 46 9.38 9.19 6.72
CA GLU C 46 9.13 8.18 7.73
C GLU C 46 10.29 8.16 8.71
N TRP C 47 10.00 8.32 10.00
CA TRP C 47 11.03 8.20 11.01
C TRP C 47 11.41 6.73 11.15
N MET C 48 12.70 6.44 11.01
CA MET C 48 13.16 5.08 11.23
C MET C 48 13.76 4.89 12.60
N GLY C 49 14.42 5.90 13.14
CA GLY C 49 15.03 5.70 14.44
C GLY C 49 16.03 6.78 14.75
N THR C 50 16.38 6.91 16.03
CA THR C 50 17.25 7.97 16.52
C THR C 50 18.26 7.36 17.49
N ILE C 51 19.51 7.79 17.38
CA ILE C 51 20.58 7.37 18.28
C ILE C 51 21.12 8.60 19.00
N ASP C 52 21.40 8.42 20.26
CA ASP C 52 22.19 9.35 21.06
C ASP C 52 23.63 8.88 20.97
N PRO C 53 24.49 9.51 20.17
CA PRO C 53 25.87 9.03 20.04
C PRO C 53 26.65 9.06 21.36
N ARG C 54 26.19 9.80 22.36
CA ARG C 54 26.98 9.93 23.59
C ARG C 54 27.08 8.60 24.31
N ASP C 55 25.93 7.96 24.52
CA ASP C 55 25.84 6.68 25.18
C ASP C 55 25.48 5.55 24.21
N SER C 56 25.24 5.86 22.93
CA SER C 56 24.77 4.90 21.94
C SER C 56 23.41 4.32 22.30
N ASP C 57 22.62 5.08 23.06
CA ASP C 57 21.23 4.74 23.28
C ASP C 57 20.42 4.98 22.00
N THR C 58 19.51 4.06 21.70
CA THR C 58 18.74 4.16 20.47
C THR C 58 17.26 4.00 20.78
N LYS C 59 16.43 4.61 19.93
CA LYS C 59 15.00 4.34 19.87
C LYS C 59 14.65 4.06 18.42
N TYR C 60 13.84 3.04 18.21
CA TYR C 60 13.49 2.60 16.88
C TYR C 60 12.01 2.75 16.68
N SER C 61 11.63 3.13 15.47
CA SER C 61 10.25 3.05 15.07
C SER C 61 9.78 1.60 15.11
N PRO C 62 8.58 1.32 15.65
CA PRO C 62 8.03 -0.04 15.58
C PRO C 62 8.05 -0.63 14.18
N SER C 63 8.00 0.19 13.14
CA SER C 63 7.89 -0.32 11.78
C SER C 63 9.24 -0.71 11.16
N PHE C 64 10.37 -0.28 11.76
CA PHE C 64 11.70 -0.60 11.24
C PHE C 64 12.55 -1.41 12.22
N GLN C 65 12.06 -1.64 13.43
CA GLN C 65 12.82 -2.42 14.38
C GLN C 65 13.01 -3.83 13.85
N GLY C 66 14.26 -4.26 13.80
CA GLY C 66 14.55 -5.60 13.36
C GLY C 66 14.72 -5.73 11.86
N GLN C 67 14.57 -4.65 11.12
CA GLN C 67 15.05 -4.62 9.75
C GLN C 67 16.38 -3.91 9.64
N VAL C 68 16.66 -2.98 10.55
CA VAL C 68 17.85 -2.15 10.50
C VAL C 68 18.46 -2.05 11.89
N THR C 69 19.70 -1.57 11.93
CA THR C 69 20.43 -1.28 13.15
C THR C 69 21.02 0.12 13.01
N ILE C 70 20.86 0.98 14.05
CA ILE C 70 21.49 2.30 14.07
C ILE C 70 22.72 2.25 14.95
N SER C 71 23.83 2.83 14.48
CA SER C 71 25.05 2.88 15.28
C SER C 71 25.74 4.23 15.16
N ALA C 72 26.66 4.48 16.11
CA ALA C 72 27.43 5.71 16.09
C ALA C 72 28.85 5.45 16.56
N ASP C 73 29.79 6.18 15.96
CA ASP C 73 31.22 6.15 16.26
C ASP C 73 31.63 7.60 16.55
N LYS C 74 31.68 7.97 17.83
CA LYS C 74 31.94 9.35 18.20
C LYS C 74 33.35 9.82 17.88
N SER C 75 34.31 8.91 17.80
CA SER C 75 35.67 9.35 17.49
C SER C 75 35.77 9.96 16.10
N ILE C 76 34.82 9.70 15.21
CA ILE C 76 34.83 10.29 13.88
C ILE C 76 33.53 11.02 13.56
N ASN C 77 32.70 11.27 14.58
CA ASN C 77 31.49 12.06 14.45
C ASN C 77 30.52 11.48 13.44
N THR C 78 30.48 10.15 13.35
CA THR C 78 29.82 9.43 12.27
C THR C 78 28.74 8.53 12.86
N ALA C 79 27.66 8.40 12.11
CA ALA C 79 26.53 7.56 12.46
C ALA C 79 26.21 6.68 11.25
N TYR C 80 25.61 5.53 11.52
CA TYR C 80 25.40 4.52 10.49
C TYR C 80 23.99 4.00 10.56
N LEU C 81 23.51 3.55 9.41
CA LEU C 81 22.29 2.77 9.30
C LEU C 81 22.61 1.53 8.50
N GLN C 82 22.22 0.37 9.01
CA GLN C 82 22.67 -0.86 8.36
C GLN C 82 21.54 -1.87 8.23
N TRP C 83 21.52 -2.56 7.09
CA TRP C 83 20.69 -3.72 6.87
C TRP C 83 21.54 -4.97 6.86
N THR C 84 21.04 -6.04 7.49
CA THR C 84 21.65 -7.34 7.26
C THR C 84 21.13 -8.00 5.99
N SER C 85 19.86 -7.78 5.61
CA SER C 85 19.31 -8.45 4.42
C SER C 85 18.34 -7.54 3.68
N LEU C 86 18.84 -6.91 2.62
CA LEU C 86 18.03 -5.95 1.86
C LEU C 86 16.91 -6.64 1.07
N ARG C 87 15.82 -5.89 0.85
CA ARG C 87 14.76 -6.29 -0.07
C ARG C 87 14.50 -5.17 -1.06
N ALA C 88 13.83 -5.50 -2.17
CA ALA C 88 13.57 -4.46 -3.17
C ALA C 88 12.76 -3.31 -2.60
N SER C 89 11.86 -3.59 -1.66
CA SER C 89 11.10 -2.53 -1.01
C SER C 89 11.99 -1.51 -0.30
N ASP C 90 13.27 -1.81 -0.03
CA ASP C 90 14.10 -0.85 0.66
C ASP C 90 14.64 0.24 -0.28
N SER C 91 14.39 0.12 -1.58
CA SER C 91 14.76 1.13 -2.56
C SER C 91 14.08 2.45 -2.23
N ALA C 92 14.85 3.43 -1.78
CA ALA C 92 14.32 4.71 -1.34
C ALA C 92 15.49 5.67 -1.18
N THR C 93 15.19 6.90 -0.78
CA THR C 93 16.19 7.88 -0.35
C THR C 93 16.18 7.92 1.16
N TYR C 94 17.37 7.93 1.76
CA TYR C 94 17.51 7.88 3.21
C TYR C 94 18.21 9.16 3.64
N TYR C 95 17.59 9.90 4.55
CA TYR C 95 18.19 11.10 5.13
C TYR C 95 18.70 10.85 6.54
N CYS C 96 19.87 11.37 6.86
CA CYS C 96 20.23 11.47 8.27
C CYS C 96 20.00 12.91 8.71
N VAL C 97 19.52 13.07 9.93
CA VAL C 97 19.06 14.34 10.48
C VAL C 97 19.71 14.53 11.83
N MET C 98 20.37 15.67 12.04
CA MET C 98 21.02 15.96 13.30
C MET C 98 20.14 16.90 14.13
N TRP C 99 19.92 16.54 15.39
CA TRP C 99 19.09 17.31 16.32
C TRP C 99 20.00 17.79 17.43
N VAL C 100 20.32 19.08 17.44
CA VAL C 100 21.17 19.68 18.47
C VAL C 100 20.26 20.21 19.57
N TYR C 101 20.36 19.63 20.76
CA TYR C 101 19.46 19.90 21.87
C TYR C 101 20.19 20.73 22.92
N ILE C 102 19.40 21.47 23.71
CA ILE C 102 19.96 22.46 24.60
C ILE C 102 19.87 21.99 26.04
N LEU C 103 18.84 22.46 26.73
CA LEU C 103 18.65 22.18 28.15
C LEU C 103 17.57 21.13 28.29
N THR C 104 16.31 21.55 28.05
CA THR C 104 15.25 20.62 27.68
C THR C 104 15.77 19.64 26.62
N THR C 105 15.44 18.36 26.80
CA THR C 105 15.82 17.38 25.77
C THR C 105 14.86 17.44 24.58
N GLY C 106 13.65 17.97 24.78
CA GLY C 106 12.71 18.16 23.68
C GLY C 106 12.84 19.46 22.92
N ASN C 107 13.85 20.27 23.20
CA ASN C 107 14.05 21.58 22.62
C ASN C 107 15.22 21.49 21.63
N ILE C 108 14.89 21.37 20.35
CA ILE C 108 15.86 21.08 19.28
C ILE C 108 16.04 22.37 18.49
N TRP C 109 17.20 23.01 18.61
CA TRP C 109 17.38 24.33 18.02
C TRP C 109 18.14 24.29 16.71
N VAL C 110 18.62 23.13 16.33
CA VAL C 110 19.14 22.89 15.00
C VAL C 110 18.49 21.58 14.56
N ASP C 111 18.15 21.50 13.28
CA ASP C 111 17.53 20.30 12.73
C ASP C 111 18.08 20.24 11.29
N VAL C 112 19.38 19.88 11.19
CA VAL C 112 20.10 19.80 9.93
C VAL C 112 19.75 18.51 9.23
N TRP C 113 19.30 18.59 7.98
CA TRP C 113 19.15 17.36 7.21
C TRP C 113 20.35 17.14 6.31
N GLY C 114 20.72 15.88 6.10
CA GLY C 114 21.74 15.54 5.14
C GLY C 114 21.19 15.60 3.74
N PRO C 115 22.09 15.51 2.75
CA PRO C 115 21.65 15.56 1.35
C PRO C 115 20.83 14.36 0.93
N GLY C 116 20.77 13.33 1.77
CA GLY C 116 20.12 12.09 1.42
C GLY C 116 21.00 11.22 0.55
N VAL C 117 20.68 9.94 0.55
CA VAL C 117 21.38 8.98 -0.31
C VAL C 117 20.33 8.08 -0.93
N LEU C 118 20.50 7.81 -2.22
CA LEU C 118 19.59 6.93 -2.92
C LEU C 118 20.11 5.49 -2.82
N VAL C 119 19.24 4.59 -2.38
CA VAL C 119 19.58 3.17 -2.28
C VAL C 119 18.70 2.43 -3.28
N THR C 120 19.32 1.68 -4.19
CA THR C 120 18.60 0.87 -5.17
C THR C 120 18.85 -0.60 -4.88
N VAL C 121 17.80 -1.35 -4.56
CA VAL C 121 17.87 -2.80 -4.35
C VAL C 121 17.15 -3.47 -5.52
N SER C 122 17.89 -4.24 -6.32
CA SER C 122 17.34 -4.83 -7.53
C SER C 122 18.23 -5.97 -7.99
N SER C 123 17.62 -6.93 -8.72
CA SER C 123 18.38 -8.06 -9.24
C SER C 123 18.86 -7.82 -10.66
N ALA C 124 18.51 -6.68 -11.24
CA ALA C 124 19.02 -6.31 -12.54
C ALA C 124 20.52 -6.04 -12.47
N SER C 125 21.19 -6.13 -13.62
CA SER C 125 22.58 -5.75 -13.76
C SER C 125 22.70 -4.56 -14.70
N THR C 126 23.87 -3.94 -14.68
CA THR C 126 24.07 -2.70 -15.43
C THR C 126 23.87 -2.94 -16.92
N LYS C 127 23.05 -2.07 -17.53
CA LYS C 127 22.79 -2.12 -18.97
C LYS C 127 22.63 -0.71 -19.50
N GLY C 128 23.21 -0.47 -20.69
CA GLY C 128 23.11 0.81 -21.34
C GLY C 128 21.82 0.91 -22.14
N PRO C 129 21.29 2.12 -22.26
CA PRO C 129 19.98 2.29 -22.87
C PRO C 129 20.02 2.21 -24.38
N SER C 130 18.88 1.83 -24.93
CA SER C 130 18.60 1.99 -26.36
C SER C 130 17.86 3.31 -26.57
N VAL C 131 18.30 4.09 -27.55
CA VAL C 131 17.72 5.39 -27.84
C VAL C 131 16.98 5.28 -29.16
N PHE C 132 15.67 5.54 -29.13
CA PHE C 132 14.82 5.47 -30.31
C PHE C 132 14.22 6.84 -30.61
N PRO C 133 14.00 7.13 -31.89
CA PRO C 133 13.43 8.44 -32.25
C PRO C 133 11.91 8.45 -32.10
N LEU C 134 11.41 9.53 -31.51
CA LEU C 134 9.98 9.86 -31.51
C LEU C 134 9.80 10.91 -32.59
N ALA C 135 9.57 10.46 -33.82
CA ALA C 135 9.65 11.34 -34.97
C ALA C 135 8.45 12.29 -35.02
N PRO C 136 8.65 13.53 -35.45
CA PRO C 136 7.51 14.44 -35.63
C PRO C 136 6.68 14.04 -36.83
N GLY C 144 2.05 25.96 -36.98
CA GLY C 144 1.71 25.33 -35.70
C GLY C 144 2.91 24.91 -34.86
N THR C 145 2.64 24.13 -33.81
CA THR C 145 3.67 23.58 -32.94
C THR C 145 3.82 22.09 -33.23
N ALA C 146 5.07 21.63 -33.26
CA ALA C 146 5.40 20.23 -33.49
C ALA C 146 6.13 19.64 -32.29
N ALA C 147 6.03 18.33 -32.13
CA ALA C 147 6.66 17.62 -31.03
C ALA C 147 7.53 16.51 -31.58
N LEU C 148 8.72 16.40 -31.03
CA LEU C 148 9.60 15.27 -31.34
C LEU C 148 10.30 14.88 -30.05
N GLY C 149 10.94 13.73 -30.07
CA GLY C 149 11.64 13.34 -28.87
C GLY C 149 12.43 12.08 -29.07
N CYS C 150 12.97 11.60 -27.95
CA CYS C 150 13.76 10.39 -27.89
C CYS C 150 13.22 9.53 -26.77
N LEU C 151 13.07 8.24 -27.05
CA LEU C 151 12.68 7.25 -26.05
C LEU C 151 13.94 6.50 -25.59
N VAL C 152 14.27 6.63 -24.31
CA VAL C 152 15.48 6.06 -23.73
C VAL C 152 15.04 4.85 -22.92
N LYS C 153 15.22 3.67 -23.49
CA LYS C 153 14.56 2.46 -23.04
C LYS C 153 15.60 1.45 -22.55
N ASP C 154 15.25 0.74 -21.46
CA ASP C 154 15.93 -0.48 -21.03
C ASP C 154 17.36 -0.22 -20.55
N TYR C 155 17.47 0.60 -19.50
CA TYR C 155 18.77 0.82 -18.88
C TYR C 155 18.67 0.57 -17.37
N PHE C 156 19.85 0.42 -16.74
CA PHE C 156 19.94 0.21 -15.30
C PHE C 156 21.39 0.44 -14.86
N PRO C 157 21.62 1.13 -13.75
CA PRO C 157 20.56 1.71 -12.90
C PRO C 157 20.29 3.13 -13.29
N GLU C 158 19.59 3.88 -12.44
CA GLU C 158 19.54 5.32 -12.62
C GLU C 158 20.92 5.90 -12.32
N PRO C 159 21.23 7.10 -12.85
CA PRO C 159 20.39 7.95 -13.68
C PRO C 159 20.83 7.96 -15.13
N VAL C 160 20.01 8.60 -15.96
CA VAL C 160 20.37 8.95 -17.33
C VAL C 160 20.22 10.46 -17.45
N THR C 161 21.09 11.09 -18.23
CA THR C 161 20.97 12.51 -18.53
C THR C 161 20.69 12.69 -20.02
N VAL C 162 19.81 13.63 -20.34
CA VAL C 162 19.42 13.90 -21.71
C VAL C 162 19.52 15.39 -21.95
N SER C 163 20.18 15.76 -23.04
CA SER C 163 20.19 17.12 -23.54
C SER C 163 19.87 17.08 -25.03
N TRP C 164 19.53 18.24 -25.57
CA TRP C 164 19.19 18.38 -26.99
C TRP C 164 20.18 19.33 -27.65
N ASN C 165 20.71 18.91 -28.80
CA ASN C 165 21.64 19.72 -29.58
C ASN C 165 22.82 20.16 -28.71
N SER C 166 23.44 19.16 -28.07
CA SER C 166 24.62 19.34 -27.22
C SER C 166 24.40 20.42 -26.15
N GLY C 167 23.14 20.58 -25.71
CA GLY C 167 22.81 21.58 -24.71
C GLY C 167 22.37 22.93 -25.26
N ALA C 168 22.36 23.09 -26.58
CA ALA C 168 21.92 24.36 -27.16
C ALA C 168 20.42 24.55 -27.03
N LEU C 169 19.65 23.48 -27.22
CA LEU C 169 18.20 23.52 -27.27
C LEU C 169 17.65 23.25 -25.87
N THR C 170 17.02 24.25 -25.28
CA THR C 170 16.62 24.17 -23.88
C THR C 170 15.18 24.54 -23.60
N SER C 171 14.52 25.29 -24.49
CA SER C 171 13.30 25.98 -24.11
C SER C 171 12.13 25.01 -23.95
N GLY C 172 11.76 24.33 -25.03
CA GLY C 172 10.54 23.54 -24.99
C GLY C 172 10.75 22.10 -24.58
N VAL C 173 11.88 21.79 -23.95
CA VAL C 173 12.24 20.42 -23.67
C VAL C 173 11.55 19.96 -22.39
N HIS C 174 11.13 18.69 -22.38
CA HIS C 174 10.53 18.04 -21.22
C HIS C 174 11.14 16.64 -21.14
N THR C 175 11.98 16.39 -20.14
CA THR C 175 12.55 15.06 -19.92
C THR C 175 11.83 14.44 -18.73
N PHE C 176 11.07 13.40 -18.98
CA PHE C 176 10.24 12.85 -17.93
C PHE C 176 11.06 12.00 -16.97
N PRO C 177 10.71 12.01 -15.68
CA PRO C 177 11.29 11.03 -14.76
C PRO C 177 11.07 9.62 -15.26
N ALA C 178 12.06 8.78 -15.02
CA ALA C 178 12.08 7.41 -15.49
C ALA C 178 11.01 6.59 -14.78
N VAL C 179 10.53 5.58 -15.48
CA VAL C 179 9.64 4.61 -14.86
C VAL C 179 10.41 3.31 -14.82
N LEU C 180 10.12 2.55 -13.78
CA LEU C 180 10.70 1.23 -13.62
C LEU C 180 9.78 0.23 -14.31
N GLN C 181 10.30 -0.45 -15.32
CA GLN C 181 9.52 -1.45 -16.01
C GLN C 181 9.52 -2.75 -15.21
N SER C 182 8.66 -3.69 -15.61
CA SER C 182 8.56 -4.97 -14.91
C SER C 182 9.77 -5.85 -15.16
N SER C 183 10.46 -5.63 -16.27
CA SER C 183 11.76 -6.29 -16.49
C SER C 183 12.80 -5.90 -15.45
N GLY C 184 12.53 -4.89 -14.62
CA GLY C 184 13.54 -4.40 -13.71
C GLY C 184 14.44 -3.35 -14.32
N LEU C 185 14.18 -2.94 -15.56
CA LEU C 185 14.95 -1.93 -16.25
C LEU C 185 14.19 -0.62 -16.28
N TYR C 186 14.93 0.47 -16.41
CA TYR C 186 14.30 1.77 -16.41
C TYR C 186 14.06 2.25 -17.83
N SER C 187 13.17 3.22 -17.94
CA SER C 187 12.77 3.75 -19.24
C SER C 187 12.34 5.20 -19.05
N LEU C 188 12.75 6.08 -19.97
CA LEU C 188 12.23 7.44 -19.95
C LEU C 188 12.15 7.98 -21.38
N SER C 189 11.43 9.09 -21.49
CA SER C 189 11.34 9.84 -22.73
C SER C 189 11.73 11.28 -22.47
N SER C 190 12.29 11.92 -23.48
CA SER C 190 12.50 13.36 -23.42
C SER C 190 11.96 13.93 -24.73
N VAL C 191 11.13 14.96 -24.62
CA VAL C 191 10.47 15.54 -25.78
C VAL C 191 10.70 17.05 -25.79
N VAL C 192 10.56 17.63 -26.96
CA VAL C 192 10.62 19.08 -27.12
C VAL C 192 9.60 19.48 -28.16
N THR C 193 8.90 20.58 -27.88
CA THR C 193 8.00 21.18 -28.86
C THR C 193 8.73 22.28 -29.62
N VAL C 194 8.47 22.32 -30.92
CA VAL C 194 9.27 23.06 -31.90
C VAL C 194 8.30 23.61 -32.94
N PRO C 195 8.52 24.82 -33.46
CA PRO C 195 7.65 25.32 -34.55
C PRO C 195 7.74 24.39 -35.75
N SER C 196 6.59 24.12 -36.37
CA SER C 196 6.58 23.22 -37.53
C SER C 196 7.45 23.75 -38.67
N SER C 197 7.63 25.08 -38.74
CA SER C 197 8.55 25.67 -39.70
C SER C 197 9.96 25.12 -39.51
N SER C 198 10.39 25.03 -38.25
CA SER C 198 11.73 24.58 -37.89
C SER C 198 12.04 23.18 -38.39
N LEU C 199 11.04 22.41 -38.81
CA LEU C 199 11.29 21.00 -39.09
C LEU C 199 12.10 20.81 -40.36
N GLY C 200 12.01 21.73 -41.31
CA GLY C 200 12.83 21.64 -42.50
C GLY C 200 14.15 22.38 -42.34
N THR C 201 14.24 23.22 -41.30
CA THR C 201 15.35 24.14 -41.08
C THR C 201 16.45 23.56 -40.22
N GLN C 202 16.09 22.86 -39.15
CA GLN C 202 17.04 22.46 -38.11
C GLN C 202 17.24 20.95 -38.10
N THR C 203 18.36 20.56 -37.51
CA THR C 203 18.57 19.20 -37.07
C THR C 203 18.34 19.15 -35.56
N TYR C 204 17.71 18.08 -35.10
CA TYR C 204 17.49 17.86 -33.68
C TYR C 204 18.16 16.56 -33.29
N ILE C 205 19.04 16.63 -32.29
CA ILE C 205 19.82 15.51 -31.79
C ILE C 205 19.61 15.45 -30.30
N CYS C 206 19.16 14.30 -29.81
CA CYS C 206 19.16 14.06 -28.38
C CYS C 206 20.46 13.37 -28.01
N ASN C 207 21.12 13.87 -26.97
CA ASN C 207 22.39 13.34 -26.47
C ASN C 207 22.06 12.68 -25.13
N VAL C 208 22.23 11.37 -25.07
CA VAL C 208 21.90 10.59 -23.88
C VAL C 208 23.20 10.09 -23.28
N ASN C 209 23.32 10.21 -21.97
CA ASN C 209 24.50 9.79 -21.24
C ASN C 209 24.05 8.88 -20.10
N HIS C 210 24.61 7.68 -20.05
CA HIS C 210 24.40 6.74 -18.95
C HIS C 210 25.78 6.34 -18.44
N LYS C 211 26.24 7.06 -17.42
CA LYS C 211 27.59 6.82 -16.89
C LYS C 211 27.80 5.44 -16.30
N PRO C 212 26.86 4.83 -15.56
CA PRO C 212 27.15 3.51 -14.98
C PRO C 212 27.55 2.46 -15.99
N SER C 213 27.16 2.63 -17.26
CA SER C 213 27.53 1.67 -18.31
C SER C 213 28.50 2.26 -19.33
N ASN C 214 28.89 3.53 -19.19
CA ASN C 214 29.77 4.22 -20.14
C ASN C 214 29.18 4.17 -21.54
N THR C 215 27.95 4.67 -21.62
CA THR C 215 27.21 4.74 -22.87
C THR C 215 26.88 6.20 -23.12
N LYS C 216 27.33 6.72 -24.26
CA LYS C 216 26.92 8.02 -24.77
C LYS C 216 26.32 7.78 -26.15
N VAL C 217 25.10 8.25 -26.35
CA VAL C 217 24.40 8.09 -27.63
C VAL C 217 23.91 9.45 -28.07
N ASP C 218 24.26 9.82 -29.32
CA ASP C 218 23.68 10.95 -30.04
C ASP C 218 22.73 10.36 -31.07
N LYS C 219 21.43 10.67 -30.98
CA LYS C 219 20.45 10.20 -31.94
C LYS C 219 19.77 11.41 -32.57
N ARG C 220 19.68 11.41 -33.89
CA ARG C 220 19.04 12.50 -34.60
C ARG C 220 17.58 12.13 -34.86
N VAL C 221 16.67 12.94 -34.33
CA VAL C 221 15.24 12.74 -34.51
C VAL C 221 14.85 13.42 -35.82
N GLU C 222 14.41 12.63 -36.80
CA GLU C 222 14.14 13.10 -38.15
C GLU C 222 12.71 12.75 -38.54
N PRO C 223 11.98 13.66 -39.19
CA PRO C 223 10.70 13.26 -39.78
C PRO C 223 10.98 12.30 -40.93
N LYS C 224 10.16 11.25 -41.07
CA LYS C 224 10.43 10.25 -42.11
C LYS C 224 9.32 10.26 -43.15
N SER C 225 9.70 10.08 -44.43
CA SER C 225 8.84 10.14 -45.61
C SER C 225 8.34 11.55 -45.93
N ASP D 1 1.24 6.01 19.54
CA ASP D 1 0.14 6.67 20.23
C ASP D 1 -0.38 7.87 19.42
N VAL D 2 0.51 8.76 18.96
CA VAL D 2 0.08 9.99 18.31
C VAL D 2 0.15 9.83 16.80
N VAL D 3 -1.01 9.97 16.16
CA VAL D 3 -1.19 9.96 14.71
C VAL D 3 -1.43 11.40 14.25
N MET D 4 -0.70 11.80 13.20
CA MET D 4 -0.81 13.12 12.62
C MET D 4 -1.63 13.08 11.34
N THR D 5 -2.64 13.94 11.25
CA THR D 5 -3.42 14.08 10.04
C THR D 5 -3.25 15.49 9.50
N GLN D 6 -2.69 15.61 8.29
CA GLN D 6 -2.41 16.89 7.66
C GLN D 6 -3.33 17.09 6.47
N SER D 7 -3.90 18.29 6.34
CA SER D 7 -4.75 18.67 5.22
C SER D 7 -4.42 20.07 4.75
N PRO D 8 -4.58 20.36 3.43
CA PRO D 8 -5.04 19.39 2.43
C PRO D 8 -3.83 18.70 1.84
N LEU D 9 -4.03 17.75 0.93
CA LEU D 9 -2.89 17.07 0.32
C LEU D 9 -2.18 17.96 -0.69
N SER D 10 -2.93 18.78 -1.41
CA SER D 10 -2.41 19.65 -2.46
C SER D 10 -3.10 21.00 -2.34
N LEU D 11 -2.37 22.08 -2.60
CA LEU D 11 -2.85 23.42 -2.33
C LEU D 11 -2.43 24.35 -3.46
N PRO D 12 -3.34 24.65 -4.40
CA PRO D 12 -3.01 25.60 -5.46
C PRO D 12 -3.10 27.01 -4.92
N ILE D 13 -2.03 27.80 -5.08
CA ILE D 13 -2.02 29.18 -4.58
C ILE D 13 -1.66 30.12 -5.72
N THR D 14 -2.42 31.21 -5.85
CA THR D 14 -2.06 32.31 -6.74
C THR D 14 -0.89 33.08 -6.15
N PRO D 15 0.16 33.38 -6.92
CA PRO D 15 1.34 34.04 -6.35
C PRO D 15 0.96 35.33 -5.67
N GLY D 16 1.54 35.55 -4.49
CA GLY D 16 1.21 36.70 -3.68
C GLY D 16 0.09 36.49 -2.70
N GLN D 17 -0.67 35.38 -2.83
CA GLN D 17 -1.77 35.09 -1.92
C GLN D 17 -1.32 34.17 -0.79
N PRO D 18 -2.08 34.08 0.30
CA PRO D 18 -1.66 33.20 1.41
C PRO D 18 -2.06 31.75 1.19
N ALA D 19 -1.28 30.86 1.82
CA ALA D 19 -1.59 29.44 1.91
C ALA D 19 -1.68 29.05 3.38
N SER D 20 -2.70 28.26 3.71
CA SER D 20 -2.91 27.84 5.08
C SER D 20 -2.95 26.31 5.13
N ILE D 21 -2.06 25.72 5.93
CA ILE D 21 -1.92 24.27 5.98
C ILE D 21 -2.26 23.80 7.38
N SER D 22 -3.10 22.80 7.49
CA SER D 22 -3.58 22.26 8.75
C SER D 22 -2.89 20.94 9.09
N CYS D 23 -2.86 20.65 10.38
CA CYS D 23 -2.26 19.44 10.92
C CYS D 23 -2.97 19.18 12.24
N ARG D 24 -3.71 18.08 12.32
CA ARG D 24 -4.35 17.63 13.54
C ARG D 24 -3.69 16.39 14.10
N SER D 25 -3.65 16.30 15.42
CA SER D 25 -3.11 15.16 16.12
C SER D 25 -4.25 14.38 16.77
N SER D 26 -4.05 13.06 16.86
CA SER D 26 -5.06 12.20 17.48
C SER D 26 -5.12 12.38 18.99
N GLN D 27 -4.15 13.07 19.59
CA GLN D 27 -4.19 13.40 21.00
C GLN D 27 -3.42 14.69 21.21
N SER D 28 -3.64 15.32 22.38
CA SER D 28 -3.06 16.62 22.65
C SER D 28 -1.54 16.53 22.71
N LEU D 29 -0.86 17.44 22.02
CA LEU D 29 0.59 17.44 22.00
C LEU D 29 1.19 18.25 23.15
N VAL D 30 0.37 18.68 24.11
CA VAL D 30 0.92 19.39 25.25
C VAL D 30 1.63 18.39 26.16
N HIS D 31 2.94 18.61 26.37
CA HIS D 31 3.75 17.81 27.29
C HIS D 31 3.35 18.13 28.74
N ASN D 32 3.89 17.36 29.68
CA ASN D 32 3.44 17.47 31.07
C ASN D 32 3.94 18.74 31.73
N ASN D 33 5.03 19.32 31.23
CA ASN D 33 5.48 20.61 31.69
C ASN D 33 4.54 21.74 31.28
N GLY D 34 3.71 21.53 30.25
CA GLY D 34 2.79 22.53 29.78
C GLY D 34 3.13 23.17 28.44
N ASN D 35 4.08 22.62 27.70
CA ASN D 35 4.53 23.17 26.43
C ASN D 35 4.33 22.17 25.29
N THR D 36 4.25 22.69 24.07
CA THR D 36 3.96 21.91 22.88
C THR D 36 5.11 22.04 21.89
N TYR D 37 5.42 20.94 21.21
CA TYR D 37 6.68 20.79 20.48
C TYR D 37 6.42 20.26 19.06
N LEU D 38 5.49 20.89 18.36
CA LEU D 38 5.21 20.59 16.95
C LEU D 38 6.12 21.39 16.03
N THR D 39 6.54 20.78 14.93
CA THR D 39 7.47 21.44 14.00
C THR D 39 6.91 21.36 12.59
N TRP D 40 7.44 22.21 11.72
CA TRP D 40 7.02 22.26 10.32
C TRP D 40 8.27 22.24 9.45
N TYR D 41 8.20 21.46 8.38
CA TYR D 41 9.29 21.28 7.42
C TYR D 41 8.85 21.66 6.03
N GLN D 42 9.80 22.16 5.24
CA GLN D 42 9.60 22.48 3.84
C GLN D 42 10.55 21.64 3.00
N GLN D 43 10.02 21.00 1.96
CA GLN D 43 10.84 20.24 1.02
C GLN D 43 10.66 20.84 -0.36
N ARG D 44 11.59 21.69 -0.77
CA ARG D 44 11.63 22.14 -2.15
C ARG D 44 11.90 20.95 -3.06
N PRO D 45 11.50 21.02 -4.33
CA PRO D 45 11.66 19.85 -5.21
C PRO D 45 13.13 19.51 -5.37
N GLY D 46 13.43 18.21 -5.32
CA GLY D 46 14.80 17.74 -5.43
C GLY D 46 15.70 18.01 -4.24
N GLN D 47 15.19 18.57 -3.16
CA GLN D 47 16.00 19.01 -2.03
C GLN D 47 15.67 18.22 -0.78
N PRO D 48 16.56 18.21 0.20
CA PRO D 48 16.23 17.65 1.50
C PRO D 48 15.24 18.56 2.20
N PRO D 49 14.45 18.03 3.13
CA PRO D 49 13.61 18.92 3.95
C PRO D 49 14.49 19.89 4.71
N ARG D 50 13.90 21.02 5.11
CA ARG D 50 14.51 21.94 6.06
C ARG D 50 13.44 22.39 7.04
N ARG D 51 13.80 22.54 8.31
CA ARG D 51 12.80 23.00 9.27
C ARG D 51 12.59 24.50 9.16
N LEU D 52 11.31 24.89 9.26
CA LEU D 52 10.82 26.25 9.24
C LEU D 52 10.41 26.70 10.63
N ILE D 53 9.68 25.87 11.36
CA ILE D 53 9.00 26.24 12.59
C ILE D 53 9.28 25.17 13.63
N TYR D 54 9.43 25.59 14.88
CA TYR D 54 9.56 24.66 15.99
C TYR D 54 8.74 25.19 17.16
N GLN D 55 8.40 24.28 18.06
CA GLN D 55 7.44 24.46 19.15
C GLN D 55 6.34 25.40 18.69
N VAL D 56 5.64 24.97 17.63
CA VAL D 56 4.36 25.51 17.15
C VAL D 56 4.54 26.79 16.34
N SER D 57 5.31 27.76 16.86
CA SER D 57 5.29 29.11 16.29
C SER D 57 6.62 29.84 16.24
N ASN D 58 7.67 29.37 16.92
CA ASN D 58 9.00 29.95 16.75
C ASN D 58 9.54 29.59 15.36
N ARG D 59 10.22 30.52 14.73
CA ARG D 59 10.85 30.27 13.44
C ARG D 59 12.35 30.01 13.59
N ASP D 60 12.87 29.11 12.76
CA ASP D 60 14.30 28.87 12.74
C ASP D 60 15.01 30.05 12.07
N SER D 61 16.32 30.17 12.30
CA SER D 61 17.07 31.29 11.76
C SER D 61 17.02 31.32 10.24
N GLY D 62 16.96 32.52 9.68
CA GLY D 62 16.93 32.75 8.24
C GLY D 62 15.57 32.57 7.59
N VAL D 63 14.60 32.05 8.31
CA VAL D 63 13.24 31.77 7.82
C VAL D 63 12.42 33.07 7.83
N PRO D 64 11.95 33.54 6.68
CA PRO D 64 11.22 34.82 6.64
C PRO D 64 9.94 34.81 7.45
N ASP D 65 9.49 36.02 7.78
CA ASP D 65 8.39 36.24 8.71
C ASP D 65 7.06 35.81 8.13
N ARG D 66 6.97 35.61 6.81
CA ARG D 66 5.72 35.20 6.20
C ARG D 66 5.34 33.77 6.53
N PHE D 67 6.22 32.98 7.15
CA PHE D 67 5.85 31.67 7.66
C PHE D 67 5.41 31.83 9.11
N ILE D 68 4.15 31.51 9.38
CA ILE D 68 3.52 31.74 10.67
C ILE D 68 2.91 30.42 11.14
N GLY D 69 3.42 29.91 12.25
CA GLY D 69 2.87 28.71 12.86
C GLY D 69 1.97 29.12 14.00
N SER D 70 0.89 28.36 14.19
CA SER D 70 -0.04 28.64 15.27
C SER D 70 -0.77 27.35 15.60
N GLY D 71 -1.55 27.39 16.67
CA GLY D 71 -2.33 26.24 17.09
C GLY D 71 -2.08 25.89 18.54
N ALA D 72 -2.90 24.96 19.02
CA ALA D 72 -2.87 24.53 20.41
C ALA D 72 -3.59 23.18 20.48
N GLY D 73 -3.18 22.35 21.44
CA GLY D 73 -3.80 21.06 21.70
C GLY D 73 -3.65 20.06 20.58
N THR D 74 -4.67 19.95 19.73
CA THR D 74 -4.65 19.00 18.62
C THR D 74 -4.79 19.67 17.24
N ASP D 75 -4.83 20.98 17.16
CA ASP D 75 -5.11 21.69 15.92
C ASP D 75 -4.02 22.72 15.70
N PHE D 76 -3.35 22.64 14.55
CA PHE D 76 -2.18 23.48 14.30
C PHE D 76 -2.21 23.90 12.85
N THR D 77 -1.64 25.06 12.58
CA THR D 77 -1.69 25.63 11.25
C THR D 77 -0.34 26.22 10.91
N LEU D 78 0.03 26.10 9.64
CA LEU D 78 1.13 26.84 9.05
C LEU D 78 0.54 27.74 7.97
N LYS D 79 0.73 29.06 8.11
CA LYS D 79 0.31 30.02 7.09
C LYS D 79 1.54 30.60 6.40
N ILE D 80 1.48 30.68 5.09
CA ILE D 80 2.47 31.39 4.30
C ILE D 80 1.78 32.65 3.82
N SER D 81 2.26 33.82 4.29
CA SER D 81 1.53 35.09 4.12
C SER D 81 1.36 35.45 2.65
N ARG D 82 2.44 35.42 1.90
CA ARG D 82 2.43 35.72 0.47
C ARG D 82 3.26 34.64 -0.21
N VAL D 83 2.58 33.72 -0.92
CA VAL D 83 3.25 32.59 -1.55
C VAL D 83 3.91 33.08 -2.83
N GLU D 84 5.22 32.87 -2.95
CA GLU D 84 5.92 33.14 -4.20
C GLU D 84 6.42 31.84 -4.81
N SER D 85 7.25 31.97 -5.85
CA SER D 85 7.71 30.83 -6.63
C SER D 85 8.75 30.00 -5.90
N GLU D 86 9.42 30.55 -4.91
CA GLU D 86 10.37 29.82 -4.10
C GLU D 86 9.71 29.05 -2.96
N ASP D 87 8.38 29.10 -2.84
CA ASP D 87 7.69 28.36 -1.79
C ASP D 87 6.99 27.13 -2.29
N VAL D 88 7.07 26.84 -3.60
CA VAL D 88 6.44 25.63 -4.10
C VAL D 88 7.26 24.42 -3.65
N GLY D 89 6.57 23.35 -3.31
CA GLY D 89 7.16 22.19 -2.68
C GLY D 89 6.16 21.55 -1.73
N ILE D 90 6.68 20.66 -0.88
CA ILE D 90 5.89 19.87 0.07
C ILE D 90 6.18 20.36 1.48
N TYR D 91 5.13 20.51 2.28
CA TYR D 91 5.28 20.94 3.66
C TYR D 91 4.83 19.81 4.58
N TYR D 92 5.54 19.63 5.69
CA TYR D 92 5.31 18.52 6.62
C TYR D 92 5.28 19.03 8.05
N CYS D 93 4.31 18.57 8.82
CA CYS D 93 4.36 18.79 10.25
C CYS D 93 5.04 17.60 10.89
N GLY D 94 5.69 17.86 12.02
CA GLY D 94 6.46 16.83 12.68
C GLY D 94 6.16 16.79 14.15
N GLN D 95 5.97 15.58 14.66
CA GLN D 95 5.62 15.36 16.04
C GLN D 95 6.77 14.57 16.68
N ILE D 96 7.43 15.15 17.69
CA ILE D 96 8.45 14.45 18.47
C ILE D 96 8.16 14.47 19.98
N THR D 97 7.09 15.15 20.40
CA THR D 97 6.55 14.99 21.76
C THR D 97 6.63 13.54 22.24
N ASP D 98 5.80 12.67 21.67
CA ASP D 98 5.57 11.32 22.15
C ASP D 98 6.23 10.33 21.20
N PHE D 99 7.09 9.47 21.74
CA PHE D 99 7.55 8.33 20.99
C PHE D 99 6.34 7.43 20.66
N PRO D 100 6.23 6.91 19.42
CA PRO D 100 7.08 7.01 18.23
C PRO D 100 6.86 8.27 17.42
N TYR D 101 7.94 8.85 16.89
CA TYR D 101 7.84 10.11 16.16
C TYR D 101 7.20 9.88 14.81
N SER D 102 6.50 10.90 14.30
CA SER D 102 5.87 10.77 12.99
C SER D 102 5.79 12.13 12.32
N PHE D 103 5.67 12.08 11.00
CA PHE D 103 5.46 13.26 10.17
C PHE D 103 4.09 13.18 9.56
N GLY D 104 3.50 14.32 9.29
CA GLY D 104 2.27 14.31 8.53
C GLY D 104 2.50 13.83 7.12
N GLN D 105 1.39 13.57 6.43
CA GLN D 105 1.43 13.05 5.06
C GLN D 105 2.10 14.01 4.09
N GLY D 106 2.06 15.32 4.38
CA GLY D 106 2.66 16.31 3.50
C GLY D 106 1.65 17.04 2.64
N THR D 107 1.83 18.35 2.46
CA THR D 107 0.93 19.20 1.69
C THR D 107 1.73 19.82 0.57
N LYS D 108 1.35 19.51 -0.67
CA LYS D 108 2.05 20.02 -1.83
C LYS D 108 1.45 21.35 -2.22
N VAL D 109 2.24 22.42 -2.14
CA VAL D 109 1.86 23.74 -2.58
C VAL D 109 2.35 23.90 -4.00
N ASP D 110 1.45 24.29 -4.92
CA ASP D 110 1.88 24.59 -6.28
C ASP D 110 1.29 25.94 -6.67
N ILE D 111 1.70 26.42 -7.84
CA ILE D 111 1.31 27.73 -8.34
C ILE D 111 -0.02 27.61 -9.08
N LYS D 112 -1.02 28.37 -8.65
CA LYS D 112 -2.30 28.41 -9.36
C LYS D 112 -2.16 29.31 -10.58
N ARG D 113 -2.68 28.83 -11.72
CA ARG D 113 -2.75 29.60 -12.95
C ARG D 113 -4.07 29.26 -13.61
N THR D 114 -4.33 29.84 -14.79
CA THR D 114 -5.56 29.55 -15.51
C THR D 114 -5.46 28.19 -16.21
N VAL D 115 -6.60 27.50 -16.27
CA VAL D 115 -6.67 26.21 -16.95
C VAL D 115 -6.05 26.30 -18.34
N ALA D 116 -5.26 25.29 -18.69
CA ALA D 116 -4.66 25.15 -20.00
C ALA D 116 -4.89 23.71 -20.44
N ALA D 117 -5.46 23.54 -21.60
CA ALA D 117 -5.70 22.18 -22.02
C ALA D 117 -4.40 21.53 -22.46
N PRO D 118 -4.30 20.22 -22.34
CA PRO D 118 -3.12 19.53 -22.85
C PRO D 118 -3.13 19.52 -24.38
N SER D 119 -1.96 19.71 -24.96
CA SER D 119 -1.73 19.52 -26.39
C SER D 119 -1.18 18.11 -26.58
N VAL D 120 -1.83 17.31 -27.42
CA VAL D 120 -1.63 15.87 -27.48
C VAL D 120 -0.94 15.49 -28.78
N PHE D 121 0.03 14.59 -28.69
CA PHE D 121 0.75 14.03 -29.83
C PHE D 121 0.90 12.54 -29.61
N ILE D 122 0.85 11.78 -30.69
CA ILE D 122 1.02 10.33 -30.60
C ILE D 122 2.22 9.96 -31.47
N PHE D 123 3.07 9.07 -30.95
CA PHE D 123 4.26 8.60 -31.67
C PHE D 123 4.17 7.11 -31.91
N PRO D 124 4.23 6.65 -33.15
CA PRO D 124 4.34 5.21 -33.42
C PRO D 124 5.69 4.68 -32.99
N PRO D 125 5.86 3.36 -32.94
CA PRO D 125 7.19 2.81 -32.68
C PRO D 125 8.11 3.02 -33.87
N SER D 126 9.36 3.35 -33.57
CA SER D 126 10.37 3.48 -34.60
C SER D 126 10.57 2.14 -35.29
N ASP D 127 11.15 2.19 -36.49
CA ASP D 127 11.45 0.94 -37.18
C ASP D 127 12.66 0.25 -36.56
N GLU D 128 13.57 1.01 -35.96
CA GLU D 128 14.72 0.39 -35.31
C GLU D 128 14.28 -0.34 -34.04
N GLN D 129 13.33 0.22 -33.29
CA GLN D 129 12.80 -0.54 -32.16
C GLN D 129 12.04 -1.77 -32.60
N LEU D 130 11.28 -1.65 -33.70
CA LEU D 130 10.50 -2.79 -34.19
C LEU D 130 11.41 -3.96 -34.60
N LYS D 131 12.64 -3.68 -35.02
CA LYS D 131 13.58 -4.77 -35.25
C LYS D 131 14.00 -5.43 -33.95
N SER D 132 13.78 -4.78 -32.81
CA SER D 132 14.10 -5.38 -31.51
C SER D 132 13.02 -6.35 -31.04
N GLY D 133 11.87 -6.41 -31.70
CA GLY D 133 10.81 -7.28 -31.24
C GLY D 133 9.90 -6.67 -30.20
N THR D 134 10.12 -5.41 -29.81
CA THR D 134 9.23 -4.67 -28.93
C THR D 134 8.70 -3.45 -29.68
N ALA D 135 7.46 -3.07 -29.35
CA ALA D 135 6.85 -1.86 -29.88
C ALA D 135 6.46 -0.98 -28.71
N SER D 136 7.01 0.23 -28.66
CA SER D 136 6.52 1.27 -27.76
C SER D 136 5.77 2.34 -28.54
N VAL D 137 4.55 2.64 -28.10
CA VAL D 137 3.76 3.73 -28.64
C VAL D 137 3.62 4.76 -27.53
N VAL D 138 3.95 6.01 -27.84
CA VAL D 138 4.01 7.07 -26.83
C VAL D 138 2.93 8.11 -27.12
N CYS D 139 2.24 8.53 -26.06
CA CYS D 139 1.29 9.62 -26.09
C CYS D 139 1.81 10.71 -25.18
N LEU D 140 1.92 11.93 -25.71
CA LEU D 140 2.41 13.09 -24.97
C LEU D 140 1.26 14.05 -24.72
N LEU D 141 1.09 14.48 -23.48
CA LEU D 141 0.14 15.52 -23.11
C LEU D 141 0.95 16.73 -22.65
N ASN D 142 0.92 17.82 -23.40
CA ASN D 142 1.91 18.86 -23.13
C ASN D 142 1.30 20.13 -22.57
N ASN D 143 1.93 20.63 -21.51
CA ASN D 143 1.72 21.98 -20.97
C ASN D 143 0.25 22.23 -20.63
N PHE D 144 -0.19 21.55 -19.58
CA PHE D 144 -1.57 21.69 -19.11
C PHE D 144 -1.57 22.04 -17.62
N TYR D 145 -2.72 22.51 -17.15
CA TYR D 145 -2.95 22.89 -15.77
C TYR D 145 -4.45 22.83 -15.57
N PRO D 146 -4.96 22.23 -14.46
CA PRO D 146 -4.20 21.61 -13.37
C PRO D 146 -3.69 20.21 -13.71
N ARG D 147 -3.08 19.55 -12.71
CA ARG D 147 -2.30 18.34 -12.94
C ARG D 147 -3.19 17.14 -13.26
N GLU D 148 -4.40 17.10 -12.71
CA GLU D 148 -5.30 15.98 -12.97
C GLU D 148 -5.52 15.78 -14.47
N ALA D 149 -5.40 14.55 -14.94
CA ALA D 149 -5.55 14.23 -16.36
C ALA D 149 -5.62 12.72 -16.51
N LYS D 150 -6.31 12.28 -17.57
CA LYS D 150 -6.58 10.85 -17.80
C LYS D 150 -6.23 10.52 -19.24
N VAL D 151 -5.49 9.46 -19.45
CA VAL D 151 -5.20 8.91 -20.76
C VAL D 151 -5.79 7.51 -20.83
N GLN D 152 -6.31 7.16 -21.99
CA GLN D 152 -6.85 5.83 -22.26
C GLN D 152 -6.36 5.35 -23.62
N TRP D 153 -5.94 4.10 -23.71
CA TRP D 153 -5.44 3.58 -24.98
C TRP D 153 -6.48 2.67 -25.63
N LYS D 154 -6.53 2.74 -26.97
CA LYS D 154 -7.40 1.91 -27.79
C LYS D 154 -6.62 1.36 -28.97
N VAL D 155 -6.72 0.06 -29.19
CA VAL D 155 -6.05 -0.61 -30.31
C VAL D 155 -7.14 -1.31 -31.12
N ASP D 156 -7.32 -0.88 -32.36
CA ASP D 156 -8.39 -1.39 -33.23
C ASP D 156 -9.73 -1.30 -32.51
N ASN D 157 -9.92 -0.21 -31.78
CA ASN D 157 -11.15 0.05 -31.03
C ASN D 157 -11.40 -1.04 -29.99
N ALA D 158 -10.40 -1.23 -29.15
CA ALA D 158 -10.50 -2.09 -27.98
C ALA D 158 -9.68 -1.44 -26.87
N LEU D 159 -10.30 -1.23 -25.72
CA LEU D 159 -9.63 -0.59 -24.60
C LEU D 159 -8.45 -1.43 -24.14
N GLN D 160 -7.43 -0.76 -23.61
CA GLN D 160 -6.26 -1.42 -23.04
C GLN D 160 -6.24 -1.23 -21.54
N SER D 161 -5.77 -2.26 -20.83
CA SER D 161 -5.49 -2.20 -19.41
C SER D 161 -4.16 -2.88 -19.16
N GLY D 162 -3.40 -2.34 -18.19
CA GLY D 162 -2.24 -3.00 -17.65
C GLY D 162 -1.08 -3.19 -18.60
N ASN D 163 -0.99 -2.38 -19.66
CA ASN D 163 0.17 -2.47 -20.56
C ASN D 163 0.68 -1.07 -20.92
N SER D 164 0.47 -0.11 -20.02
CA SER D 164 0.94 1.24 -20.22
C SER D 164 1.42 1.82 -18.90
N GLN D 165 2.41 2.68 -18.97
CA GLN D 165 2.92 3.38 -17.80
C GLN D 165 3.00 4.86 -18.11
N GLU D 166 2.75 5.69 -17.12
CA GLU D 166 2.89 7.12 -17.36
C GLU D 166 3.86 7.77 -16.37
N SER D 167 4.25 8.99 -16.74
CA SER D 167 5.19 9.81 -15.99
C SER D 167 4.82 11.27 -16.18
N VAL D 168 4.93 12.07 -15.12
CA VAL D 168 4.55 13.48 -15.13
C VAL D 168 5.75 14.33 -14.72
N THR D 169 5.93 15.46 -15.38
CA THR D 169 6.94 16.43 -14.97
C THR D 169 6.46 17.19 -13.73
N GLU D 170 7.39 17.85 -13.04
CA GLU D 170 6.92 18.72 -11.99
C GLU D 170 6.42 20.01 -12.63
N GLN D 171 5.81 20.87 -11.82
CA GLN D 171 5.30 22.14 -12.34
C GLN D 171 6.45 22.95 -12.95
N ASP D 172 6.31 23.29 -14.23
CA ASP D 172 7.31 24.09 -14.94
C ASP D 172 7.41 25.50 -14.35
N SER D 173 8.65 25.98 -14.20
CA SER D 173 8.88 27.24 -13.49
C SER D 173 8.34 28.44 -14.27
N LYS D 174 8.48 28.41 -15.60
CA LYS D 174 8.05 29.51 -16.47
C LYS D 174 6.53 29.59 -16.59
N ASP D 175 5.92 28.66 -17.33
CA ASP D 175 4.49 28.70 -17.61
C ASP D 175 3.63 28.06 -16.53
N SER D 176 4.26 27.39 -15.55
CA SER D 176 3.55 26.81 -14.42
C SER D 176 2.58 25.69 -14.84
N THR D 177 2.86 25.02 -15.97
CA THR D 177 2.09 23.89 -16.47
C THR D 177 2.80 22.57 -16.17
N TYR D 178 2.08 21.47 -16.38
CA TYR D 178 2.62 20.12 -16.29
C TYR D 178 2.60 19.47 -17.67
N SER D 179 3.39 18.41 -17.83
CA SER D 179 3.31 17.56 -19.02
C SER D 179 3.35 16.09 -18.58
N LEU D 180 2.76 15.23 -19.41
CA LEU D 180 2.59 13.82 -19.07
C LEU D 180 2.84 12.98 -20.31
N SER D 181 3.55 11.87 -20.13
CA SER D 181 3.69 10.86 -21.16
C SER D 181 3.04 9.59 -20.67
N SER D 182 2.34 8.89 -21.56
CA SER D 182 1.92 7.53 -21.31
C SER D 182 2.54 6.67 -22.42
N THR D 183 3.08 5.51 -22.07
CA THR D 183 3.76 4.65 -23.03
C THR D 183 3.07 3.30 -23.04
N LEU D 184 2.62 2.88 -24.22
CA LEU D 184 1.96 1.58 -24.42
C LEU D 184 2.96 0.60 -25.00
N THR D 185 3.21 -0.51 -24.29
CA THR D 185 4.22 -1.49 -24.69
C THR D 185 3.54 -2.77 -25.20
N LEU D 186 3.88 -3.17 -26.43
CA LEU D 186 3.37 -4.40 -27.00
C LEU D 186 4.51 -5.16 -27.65
N SER D 187 4.30 -6.46 -27.84
CA SER D 187 5.26 -7.23 -28.60
C SER D 187 5.18 -6.83 -30.08
N LYS D 188 6.28 -7.05 -30.80
CA LYS D 188 6.27 -6.83 -32.24
C LYS D 188 5.13 -7.61 -32.88
N ALA D 189 4.97 -8.88 -32.49
CA ALA D 189 3.89 -9.69 -33.03
C ALA D 189 2.54 -9.01 -32.80
N ASP D 190 2.24 -8.70 -31.54
CA ASP D 190 0.99 -8.00 -31.21
C ASP D 190 0.82 -6.72 -32.01
N TYR D 191 1.88 -5.91 -32.11
CA TYR D 191 1.78 -4.63 -32.80
C TYR D 191 1.38 -4.80 -34.25
N GLU D 192 2.03 -5.72 -34.97
CA GLU D 192 1.74 -5.91 -36.38
C GLU D 192 0.46 -6.68 -36.63
N LYS D 193 -0.16 -7.24 -35.58
CA LYS D 193 -1.46 -7.90 -35.69
C LYS D 193 -2.62 -6.93 -35.53
N HIS D 194 -2.37 -5.63 -35.56
CA HIS D 194 -3.40 -4.65 -35.31
C HIS D 194 -3.15 -3.43 -36.20
N LYS D 195 -4.14 -2.53 -36.25
CA LYS D 195 -4.14 -1.45 -37.24
C LYS D 195 -4.15 -0.06 -36.61
N VAL D 196 -5.18 0.28 -35.84
CA VAL D 196 -5.39 1.65 -35.38
C VAL D 196 -4.95 1.75 -33.93
N TYR D 197 -4.03 2.68 -33.66
CA TYR D 197 -3.53 2.95 -32.33
C TYR D 197 -3.94 4.36 -31.94
N ALA D 198 -4.63 4.50 -30.81
CA ALA D 198 -5.20 5.78 -30.42
C ALA D 198 -5.00 6.01 -28.93
N CYS D 199 -4.81 7.26 -28.53
CA CYS D 199 -4.93 7.63 -27.13
C CYS D 199 -5.98 8.70 -26.97
N GLU D 200 -6.77 8.58 -25.90
CA GLU D 200 -7.82 9.53 -25.58
C GLU D 200 -7.48 10.22 -24.28
N VAL D 201 -7.76 11.51 -24.23
CA VAL D 201 -7.27 12.38 -23.17
C VAL D 201 -8.46 13.09 -22.57
N THR D 202 -8.56 13.06 -21.25
CA THR D 202 -9.59 13.78 -20.53
C THR D 202 -8.91 14.78 -19.62
N HIS D 203 -9.42 16.02 -19.62
CA HIS D 203 -8.80 17.07 -18.83
C HIS D 203 -9.80 18.20 -18.61
N GLN D 204 -9.66 18.88 -17.47
CA GLN D 204 -10.60 19.94 -17.10
C GLN D 204 -10.77 20.96 -18.22
N GLY D 205 -9.66 21.36 -18.85
CA GLY D 205 -9.72 22.33 -19.90
C GLY D 205 -10.12 21.82 -21.26
N LEU D 206 -10.61 20.59 -21.36
CA LEU D 206 -11.13 20.06 -22.62
C LEU D 206 -12.64 19.91 -22.50
N SER D 207 -13.35 20.48 -23.46
CA SER D 207 -14.81 20.36 -23.51
C SER D 207 -15.23 18.91 -23.61
N SER D 208 -14.53 18.14 -24.43
CA SER D 208 -14.78 16.73 -24.61
C SER D 208 -13.45 16.02 -24.78
N PRO D 209 -13.36 14.74 -24.39
CA PRO D 209 -12.14 13.97 -24.64
C PRO D 209 -11.53 14.13 -26.03
N VAL D 210 -10.20 14.29 -26.08
CA VAL D 210 -9.44 14.43 -27.33
C VAL D 210 -8.84 13.08 -27.70
N THR D 211 -8.82 12.76 -28.99
CA THR D 211 -8.22 11.52 -29.45
C THR D 211 -7.20 11.81 -30.52
N LYS D 212 -5.97 11.32 -30.33
CA LYS D 212 -4.97 11.31 -31.38
C LYS D 212 -4.66 9.87 -31.71
N SER D 213 -4.63 9.56 -33.01
CA SER D 213 -4.48 8.18 -33.45
C SER D 213 -3.57 8.14 -34.66
N PHE D 214 -3.18 6.93 -35.04
CA PHE D 214 -2.48 6.69 -36.28
C PHE D 214 -2.76 5.27 -36.73
N ASN D 215 -2.52 5.01 -38.01
CA ASN D 215 -2.66 3.69 -38.59
C ASN D 215 -1.28 3.12 -38.90
N ARG D 216 -1.04 1.89 -38.44
CA ARG D 216 0.26 1.26 -38.66
C ARG D 216 0.50 1.10 -40.15
N GLY D 217 1.57 1.74 -40.64
CA GLY D 217 1.95 1.64 -42.04
C GLY D 217 1.54 2.81 -42.91
N GLY E . 7.20 -9.07 1.86
CA GLY E . 7.50 -8.04 0.87
C GLY E . 8.47 -6.93 1.27
O GLY E . 8.70 -5.98 0.51
OXT GLY E . 9.08 -6.91 2.34
N GLY F . 10.81 -2.18 3.94
CA GLY F . 9.73 -2.53 4.84
C GLY F . 9.25 -3.99 4.80
O GLY F . 9.75 -4.83 4.05
OXT GLY F . 8.32 -4.39 5.52
#